data_2D16
#
_entry.id   2D16
#
_cell.length_a   66.120
_cell.length_b   66.120
_cell.length_c   125.072
_cell.angle_alpha   90.00
_cell.angle_beta   90.00
_cell.angle_gamma   120.00
#
_symmetry.space_group_name_H-M   'P 3'
#
loop_
_entity.id
_entity.type
_entity.pdbx_description
1 polymer 'hypothetical protein PH1918'
2 non-polymer 'SODIUM ION'
3 non-polymer GLYCEROL
4 water water
#
_entity_poly.entity_id   1
_entity_poly.type   'polypeptide(L)'
_entity_poly.pdbx_seq_one_letter_code
;MVRIEVIDIEKPEGVEVIIGQGNFSIFTVDDLARALLTAVPGIKFGIAMNEAKPQLTRYTGNDPELEALAAKNAVKIGAG
HVFVILMKNAYPINVLNTIKNHPAVAMIYGASENPFQVIVAETELGRAVIGVVDGKAANKIETDEQKKERRELVEKIGYK
ID
;
_entity_poly.pdbx_strand_id   A,B,C,D
#
loop_
_chem_comp.id
_chem_comp.type
_chem_comp.name
_chem_comp.formula
GOL non-polymer GLYCEROL 'C3 H8 O3'
NA non-polymer 'SODIUM ION' 'Na 1'
#
# COMPACT_ATOMS: atom_id res chain seq x y z
N MET A 1 63.35 38.31 -17.05
CA MET A 1 63.02 38.72 -15.66
C MET A 1 62.07 37.73 -14.99
N VAL A 2 62.31 37.45 -13.71
CA VAL A 2 61.47 36.56 -12.94
C VAL A 2 61.46 37.01 -11.48
N ARG A 3 60.52 37.88 -11.15
CA ARG A 3 60.40 38.36 -9.77
C ARG A 3 59.27 37.59 -9.11
N ILE A 4 59.59 36.97 -7.98
CA ILE A 4 58.61 36.18 -7.25
C ILE A 4 58.06 36.93 -6.05
N GLU A 5 56.73 36.86 -5.86
CA GLU A 5 56.08 37.52 -4.74
C GLU A 5 55.06 36.59 -4.12
N VAL A 6 54.76 36.83 -2.84
CA VAL A 6 53.80 36.04 -2.10
C VAL A 6 52.54 36.85 -1.86
N ILE A 7 51.39 36.29 -2.22
CA ILE A 7 50.12 36.97 -2.04
C ILE A 7 49.28 36.25 -1.01
N ASP A 8 48.87 36.98 0.03
CA ASP A 8 48.03 36.40 1.07
C ASP A 8 46.59 36.53 0.62
N ILE A 9 45.87 35.41 0.56
CA ILE A 9 44.48 35.43 0.15
C ILE A 9 43.67 36.08 1.26
N GLU A 10 42.89 37.10 0.90
CA GLU A 10 42.04 37.79 1.86
C GLU A 10 40.67 37.13 1.87
N LYS A 11 40.29 36.58 3.02
CA LYS A 11 39.01 35.92 3.14
C LYS A 11 38.59 35.81 4.60
N PRO A 12 37.28 35.88 4.87
CA PRO A 12 36.84 35.78 6.26
C PRO A 12 36.95 34.35 6.78
N GLU A 13 36.96 34.21 8.10
CA GLU A 13 37.06 32.91 8.75
C GLU A 13 35.90 32.02 8.28
N GLY A 14 36.21 30.74 8.03
CA GLY A 14 35.18 29.82 7.61
C GLY A 14 34.94 29.76 6.11
N VAL A 15 35.41 30.76 5.37
CA VAL A 15 35.22 30.77 3.93
C VAL A 15 36.28 29.92 3.24
N GLU A 16 35.85 29.10 2.29
CA GLU A 16 36.75 28.21 1.55
C GLU A 16 37.23 28.90 0.28
N VAL A 17 38.51 28.71 -0.06
CA VAL A 17 39.05 29.30 -1.27
C VAL A 17 39.54 28.20 -2.21
N ILE A 18 39.32 28.40 -3.50
CA ILE A 18 39.76 27.46 -4.52
C ILE A 18 40.39 28.30 -5.62
N ILE A 19 41.63 27.97 -5.99
CA ILE A 19 42.33 28.70 -7.03
C ILE A 19 42.62 27.73 -8.16
N GLY A 20 42.36 28.16 -9.40
CA GLY A 20 42.60 27.28 -10.53
C GLY A 20 43.07 27.98 -11.78
N GLN A 21 43.38 27.19 -12.80
CA GLN A 21 43.84 27.72 -14.07
C GLN A 21 42.84 27.25 -15.13
N GLY A 22 42.29 28.20 -15.87
CA GLY A 22 41.30 27.86 -16.89
C GLY A 22 41.56 28.44 -18.26
N ASN A 23 40.48 28.66 -19.01
CA ASN A 23 40.55 29.18 -20.36
C ASN A 23 39.21 29.81 -20.73
N PHE A 24 39.23 30.74 -21.69
CA PHE A 24 38.01 31.40 -22.17
C PHE A 24 37.28 32.10 -21.03
N SER A 25 38.01 32.98 -20.34
CA SER A 25 37.49 33.72 -19.20
C SER A 25 36.08 34.32 -19.29
N ILE A 26 35.76 35.02 -20.39
CA ILE A 26 34.44 35.63 -20.47
C ILE A 26 33.30 34.63 -20.43
N PHE A 27 33.52 33.44 -20.96
CA PHE A 27 32.50 32.40 -20.95
C PHE A 27 32.53 31.64 -19.63
N THR A 28 33.73 31.19 -19.29
CA THR A 28 33.94 30.38 -18.09
C THR A 28 33.57 31.00 -16.75
N VAL A 29 33.83 32.28 -16.56
CA VAL A 29 33.50 32.90 -15.28
C VAL A 29 32.02 32.69 -14.96
N ASP A 30 31.16 32.84 -15.97
CA ASP A 30 29.72 32.65 -15.81
C ASP A 30 29.33 31.18 -15.80
N ASP A 31 29.85 30.41 -16.75
CA ASP A 31 29.51 29.00 -16.86
C ASP A 31 29.94 28.17 -15.66
N LEU A 32 31.12 28.45 -15.12
CA LEU A 32 31.61 27.71 -13.96
C LEU A 32 30.76 28.11 -12.74
N ALA A 33 30.31 29.35 -12.71
CA ALA A 33 29.48 29.81 -11.59
C ALA A 33 28.19 29.01 -11.61
N ARG A 34 27.60 28.85 -12.79
CA ARG A 34 26.36 28.10 -12.93
C ARG A 34 26.59 26.65 -12.49
N ALA A 35 27.74 26.10 -12.84
CA ALA A 35 28.07 24.73 -12.46
C ALA A 35 28.15 24.58 -10.95
N LEU A 36 28.76 25.56 -10.28
CA LEU A 36 28.88 25.50 -8.82
C LEU A 36 27.53 25.45 -8.13
N LEU A 37 26.53 26.13 -8.71
CA LEU A 37 25.19 26.11 -8.14
C LEU A 37 24.59 24.71 -8.12
N THR A 38 25.04 23.84 -9.02
CA THR A 38 24.51 22.47 -9.07
C THR A 38 25.19 21.51 -8.09
N ALA A 39 26.32 21.93 -7.52
CA ALA A 39 27.06 21.06 -6.61
C ALA A 39 26.43 20.88 -5.22
N VAL A 40 26.01 21.98 -4.60
CA VAL A 40 25.40 21.92 -3.27
C VAL A 40 24.29 22.96 -3.14
N PRO A 41 23.08 22.53 -2.74
CA PRO A 41 21.98 23.49 -2.60
C PRO A 41 22.32 24.51 -1.53
N GLY A 42 22.08 25.79 -1.82
CA GLY A 42 22.36 26.83 -0.85
C GLY A 42 23.78 27.38 -0.85
N ILE A 43 24.63 26.84 -1.71
CA ILE A 43 26.01 27.31 -1.79
C ILE A 43 26.02 28.82 -2.10
N LYS A 44 26.86 29.55 -1.39
CA LYS A 44 27.01 31.00 -1.59
C LYS A 44 28.45 31.22 -1.99
N PHE A 45 28.67 31.97 -3.05
CA PHE A 45 30.03 32.16 -3.51
C PHE A 45 30.27 33.34 -4.43
N GLY A 46 31.57 33.57 -4.66
CA GLY A 46 32.01 34.61 -5.56
C GLY A 46 33.09 33.95 -6.40
N ILE A 47 33.11 34.24 -7.70
CA ILE A 47 34.14 33.68 -8.57
C ILE A 47 34.64 34.80 -9.48
N ALA A 48 35.96 34.87 -9.63
CA ALA A 48 36.59 35.89 -10.48
C ALA A 48 37.61 35.17 -11.35
N MET A 49 37.77 35.65 -12.58
CA MET A 49 38.71 35.04 -13.50
C MET A 49 39.35 36.12 -14.35
N ASN A 50 40.66 36.01 -14.54
CA ASN A 50 41.41 37.01 -15.30
C ASN A 50 41.46 36.77 -16.80
N GLU A 51 41.17 37.84 -17.55
CA GLU A 51 41.20 37.79 -19.01
C GLU A 51 42.42 38.61 -19.44
N ALA A 52 43.37 37.95 -20.10
CA ALA A 52 44.61 38.58 -20.53
C ALA A 52 44.51 39.74 -21.53
N LYS A 53 43.92 39.49 -22.69
CA LYS A 53 43.82 40.49 -23.74
C LYS A 53 43.44 41.89 -23.22
N PRO A 54 42.28 42.03 -22.56
CA PRO A 54 41.89 43.35 -22.05
C PRO A 54 42.43 43.61 -20.65
N GLN A 55 43.17 42.65 -20.11
CA GLN A 55 43.75 42.76 -18.77
C GLN A 55 42.66 43.12 -17.75
N LEU A 56 41.57 42.38 -17.81
CA LEU A 56 40.44 42.60 -16.90
C LEU A 56 40.10 41.38 -16.05
N THR A 57 39.72 41.64 -14.80
CA THR A 57 39.30 40.57 -13.89
C THR A 57 37.78 40.54 -13.97
N ARG A 58 37.24 39.43 -14.48
CA ARG A 58 35.80 39.25 -14.60
C ARG A 58 35.31 38.57 -13.33
N TYR A 59 34.03 38.76 -13.00
CA TYR A 59 33.49 38.13 -11.80
C TYR A 59 31.98 38.00 -11.80
N THR A 60 31.42 37.15 -10.98
CA THR A 60 30.01 36.89 -10.76
C THR A 60 29.90 35.95 -9.56
N GLY A 61 28.72 35.45 -9.35
CA GLY A 61 28.43 34.59 -8.22
C GLY A 61 27.05 34.93 -7.71
N ASN A 62 26.76 34.62 -6.45
CA ASN A 62 25.45 34.91 -5.88
C ASN A 62 25.55 35.50 -4.48
N ASP A 63 26.67 36.16 -4.21
CA ASP A 63 26.92 36.79 -2.92
C ASP A 63 27.79 38.02 -3.12
N PRO A 64 27.25 39.22 -2.87
CA PRO A 64 27.98 40.48 -3.04
C PRO A 64 29.36 40.51 -2.40
N GLU A 65 29.44 40.18 -1.12
CA GLU A 65 30.70 40.20 -0.39
C GLU A 65 31.76 39.25 -0.95
N LEU A 66 31.38 37.99 -1.15
CA LEU A 66 32.33 37.02 -1.68
C LEU A 66 32.74 37.35 -3.10
N GLU A 67 31.85 38.02 -3.84
CA GLU A 67 32.16 38.41 -5.21
C GLU A 67 33.23 39.51 -5.18
N ALA A 68 33.05 40.49 -4.31
CA ALA A 68 34.00 41.59 -4.19
C ALA A 68 35.37 41.04 -3.77
N LEU A 69 35.38 40.11 -2.82
CA LEU A 69 36.63 39.52 -2.34
C LEU A 69 37.30 38.63 -3.39
N ALA A 70 36.51 37.87 -4.13
CA ALA A 70 37.07 37.00 -5.15
C ALA A 70 37.76 37.85 -6.20
N ALA A 71 37.10 38.93 -6.61
CA ALA A 71 37.65 39.85 -7.61
C ALA A 71 38.92 40.54 -7.11
N LYS A 72 38.91 40.97 -5.86
CA LYS A 72 40.05 41.64 -5.28
C LYS A 72 41.27 40.71 -5.25
N ASN A 73 41.05 39.46 -4.85
CA ASN A 73 42.14 38.48 -4.79
C ASN A 73 42.62 38.14 -6.20
N ALA A 74 41.68 37.96 -7.12
CA ALA A 74 42.02 37.61 -8.49
C ALA A 74 42.82 38.69 -9.21
N VAL A 75 42.44 39.95 -9.06
CA VAL A 75 43.17 41.02 -9.74
C VAL A 75 44.56 41.20 -9.15
N LYS A 76 44.71 40.89 -7.86
CA LYS A 76 46.00 41.01 -7.21
C LYS A 76 46.91 39.91 -7.77
N ILE A 77 46.37 38.70 -7.89
CA ILE A 77 47.13 37.59 -8.44
C ILE A 77 47.48 37.96 -9.88
N GLY A 78 46.52 38.56 -10.57
CA GLY A 78 46.72 39.02 -11.94
C GLY A 78 46.93 38.03 -13.07
N ALA A 79 47.64 36.94 -12.81
CA ALA A 79 47.92 35.94 -13.84
C ALA A 79 46.74 35.63 -14.76
N GLY A 80 46.99 35.68 -16.05
CA GLY A 80 45.95 35.40 -17.02
C GLY A 80 45.36 34.01 -16.91
N HIS A 81 44.04 33.93 -17.11
CA HIS A 81 43.25 32.69 -17.07
C HIS A 81 43.19 32.01 -15.68
N VAL A 82 43.67 32.68 -14.64
CA VAL A 82 43.57 32.13 -13.31
C VAL A 82 42.19 32.50 -12.77
N PHE A 83 41.56 31.59 -12.04
CA PHE A 83 40.26 31.88 -11.46
C PHE A 83 40.31 31.65 -9.96
N VAL A 84 39.54 32.47 -9.25
CA VAL A 84 39.47 32.39 -7.79
C VAL A 84 38.03 32.23 -7.33
N ILE A 85 37.81 31.25 -6.47
CA ILE A 85 36.48 31.01 -5.93
C ILE A 85 36.52 31.12 -4.41
N LEU A 86 35.56 31.86 -3.86
CA LEU A 86 35.43 32.00 -2.41
C LEU A 86 34.00 31.57 -2.14
N MET A 87 33.83 30.58 -1.29
CA MET A 87 32.49 30.07 -1.01
C MET A 87 32.23 29.70 0.44
N LYS A 88 30.95 29.54 0.76
CA LYS A 88 30.50 29.12 2.07
C LYS A 88 29.26 28.27 1.86
N ASN A 89 28.86 27.53 2.90
CA ASN A 89 27.70 26.65 2.82
C ASN A 89 27.99 25.46 1.90
N ALA A 90 29.26 25.17 1.73
CA ALA A 90 29.72 24.07 0.89
C ALA A 90 31.20 23.88 1.17
N TYR A 91 31.71 22.67 0.98
CA TYR A 91 33.10 22.35 1.22
C TYR A 91 33.77 21.92 -0.08
N PRO A 92 35.11 22.03 -0.15
CA PRO A 92 35.81 21.62 -1.38
C PRO A 92 35.47 20.19 -1.81
N ILE A 93 35.32 19.29 -0.85
CA ILE A 93 35.01 17.91 -1.18
C ILE A 93 33.66 17.76 -1.90
N ASN A 94 32.79 18.76 -1.77
CA ASN A 94 31.49 18.72 -2.41
C ASN A 94 31.53 19.37 -3.80
N VAL A 95 32.57 20.13 -4.09
CA VAL A 95 32.63 20.84 -5.38
C VAL A 95 33.83 20.65 -6.30
N LEU A 96 34.92 20.07 -5.80
CA LEU A 96 36.10 19.92 -6.64
C LEU A 96 35.86 19.15 -7.94
N ASN A 97 35.11 18.06 -7.87
CA ASN A 97 34.86 17.29 -9.09
C ASN A 97 34.05 18.11 -10.10
N THR A 98 33.14 18.96 -9.63
CA THR A 98 32.36 19.81 -10.52
C THR A 98 33.30 20.75 -11.28
N ILE A 99 34.30 21.27 -10.58
CA ILE A 99 35.25 22.18 -11.20
C ILE A 99 36.19 21.45 -12.14
N LYS A 100 36.75 20.33 -11.68
CA LYS A 100 37.66 19.54 -12.52
C LYS A 100 36.96 19.04 -13.78
N ASN A 101 35.65 18.82 -13.69
CA ASN A 101 34.89 18.33 -14.82
C ASN A 101 34.48 19.40 -15.82
N HIS A 102 34.71 20.67 -15.48
CA HIS A 102 34.33 21.74 -16.41
C HIS A 102 35.25 21.73 -17.62
N PRO A 103 34.68 21.78 -18.83
CA PRO A 103 35.45 21.75 -20.08
C PRO A 103 36.46 22.88 -20.33
N ALA A 104 36.37 23.97 -19.57
CA ALA A 104 37.30 25.08 -19.75
C ALA A 104 38.30 25.20 -18.59
N VAL A 105 38.30 24.21 -17.72
CA VAL A 105 39.23 24.21 -16.60
C VAL A 105 40.40 23.30 -16.91
N ALA A 106 41.61 23.82 -16.71
CA ALA A 106 42.81 23.05 -16.97
C ALA A 106 43.18 22.31 -15.69
N MET A 107 43.31 23.05 -14.59
CA MET A 107 43.67 22.45 -13.32
C MET A 107 43.28 23.30 -12.13
N ILE A 108 43.36 22.70 -10.96
CA ILE A 108 43.04 23.38 -9.70
C ILE A 108 44.33 23.36 -8.85
N TYR A 109 44.80 24.55 -8.47
CA TYR A 109 46.01 24.70 -7.67
C TYR A 109 45.86 24.18 -6.24
N GLY A 110 44.72 24.46 -5.63
CA GLY A 110 44.48 24.01 -4.27
C GLY A 110 43.15 24.51 -3.75
N ALA A 111 42.75 24.04 -2.57
CA ALA A 111 41.48 24.44 -1.98
C ALA A 111 41.44 24.13 -0.50
N SER A 112 40.95 25.08 0.30
CA SER A 112 40.83 24.86 1.74
C SER A 112 40.37 26.13 2.43
N GLU A 113 40.33 26.07 3.76
CA GLU A 113 39.94 27.22 4.58
C GLU A 113 41.10 27.65 5.47
N ASN A 114 42.27 27.06 5.28
CA ASN A 114 43.46 27.42 6.07
C ASN A 114 43.96 28.78 5.62
N PRO A 115 44.91 29.36 6.37
CA PRO A 115 45.46 30.65 5.96
C PRO A 115 46.07 30.22 4.62
N PHE A 116 45.84 30.99 3.56
CA PHE A 116 46.26 30.59 2.23
C PHE A 116 47.07 31.64 1.48
N GLN A 117 48.11 31.21 0.76
CA GLN A 117 48.93 32.13 -0.02
C GLN A 117 49.12 31.62 -1.44
N VAL A 118 49.24 32.55 -2.38
CA VAL A 118 49.48 32.20 -3.78
C VAL A 118 50.84 32.78 -4.13
N ILE A 119 51.75 31.94 -4.59
CA ILE A 119 53.09 32.40 -4.96
C ILE A 119 53.05 32.72 -6.44
N VAL A 120 53.37 33.97 -6.78
CA VAL A 120 53.32 34.43 -8.16
C VAL A 120 54.67 34.90 -8.68
N ALA A 121 54.97 34.52 -9.92
CA ALA A 121 56.21 34.93 -10.57
C ALA A 121 55.82 35.89 -11.69
N GLU A 122 56.55 36.99 -11.83
CA GLU A 122 56.24 37.94 -12.89
C GLU A 122 57.42 38.10 -13.85
N THR A 123 57.11 38.03 -15.14
CA THR A 123 58.12 38.19 -16.18
C THR A 123 57.79 39.48 -16.92
N GLU A 124 58.51 39.75 -18.00
CA GLU A 124 58.27 40.96 -18.78
C GLU A 124 56.92 40.89 -19.50
N LEU A 125 56.39 39.68 -19.65
CA LEU A 125 55.10 39.50 -20.33
C LEU A 125 53.93 39.59 -19.36
N GLY A 126 53.96 38.76 -18.32
CA GLY A 126 52.86 38.77 -17.37
C GLY A 126 53.16 38.03 -16.09
N ARG A 127 52.12 37.50 -15.46
CA ARG A 127 52.27 36.79 -14.20
C ARG A 127 51.85 35.33 -14.27
N ALA A 128 52.43 34.53 -13.38
CA ALA A 128 52.15 33.11 -13.33
C ALA A 128 52.08 32.60 -11.90
N VAL A 129 51.12 31.74 -11.62
CA VAL A 129 51.00 31.16 -10.28
C VAL A 129 51.97 29.98 -10.27
N ILE A 130 52.99 30.02 -9.42
CA ILE A 130 53.94 28.92 -9.38
C ILE A 130 53.70 27.98 -8.21
N GLY A 131 52.73 28.32 -7.37
CA GLY A 131 52.45 27.44 -6.25
C GLY A 131 51.54 28.07 -5.21
N VAL A 132 51.06 27.25 -4.28
CA VAL A 132 50.19 27.75 -3.23
C VAL A 132 50.65 27.22 -1.88
N VAL A 133 50.60 28.07 -0.87
CA VAL A 133 50.95 27.65 0.48
C VAL A 133 49.62 27.44 1.16
N ASP A 134 49.25 26.17 1.35
CA ASP A 134 47.97 25.84 1.97
C ASP A 134 48.17 25.59 3.46
N GLY A 135 48.13 26.68 4.24
CA GLY A 135 48.32 26.57 5.68
C GLY A 135 49.77 26.32 6.07
N LYS A 136 50.00 26.12 7.35
CA LYS A 136 51.36 25.86 7.83
C LYS A 136 51.81 24.47 7.38
N ALA A 137 53.12 24.24 7.39
CA ALA A 137 53.68 22.97 6.97
C ALA A 137 53.69 21.94 8.09
N ALA A 138 53.56 20.67 7.72
CA ALA A 138 53.58 19.59 8.69
C ALA A 138 55.06 19.37 9.02
N ASN A 139 55.35 18.99 10.26
CA ASN A 139 56.74 18.77 10.66
C ASN A 139 56.94 17.52 11.52
N LYS A 140 55.86 16.76 11.70
CA LYS A 140 55.92 15.54 12.48
C LYS A 140 54.96 14.51 11.91
N ILE A 141 55.32 13.23 12.01
CA ILE A 141 54.47 12.15 11.53
C ILE A 141 53.58 11.69 12.67
N GLU A 142 52.29 11.54 12.38
CA GLU A 142 51.31 11.12 13.37
C GLU A 142 51.66 9.82 14.09
N THR A 143 51.24 9.73 15.35
CA THR A 143 51.48 8.54 16.16
C THR A 143 50.26 7.64 15.98
N ASP A 144 50.35 6.40 16.45
CA ASP A 144 49.23 5.48 16.33
C ASP A 144 48.02 6.03 17.06
N GLU A 145 48.25 6.67 18.19
CA GLU A 145 47.18 7.24 18.98
C GLU A 145 46.48 8.35 18.19
N GLN A 146 47.27 9.18 17.52
CA GLN A 146 46.72 10.26 16.72
C GLN A 146 45.94 9.72 15.53
N LYS A 147 46.32 8.53 15.06
CA LYS A 147 45.61 7.89 13.95
C LYS A 147 44.21 7.56 14.43
N LYS A 148 44.12 6.96 15.61
CA LYS A 148 42.83 6.58 16.17
C LYS A 148 41.99 7.82 16.38
N GLU A 149 42.62 8.91 16.83
CA GLU A 149 41.90 10.16 17.08
C GLU A 149 41.28 10.75 15.82
N ARG A 150 42.04 10.79 14.73
CA ARG A 150 41.50 11.38 13.51
C ARG A 150 40.38 10.54 12.93
N ARG A 151 40.50 9.22 13.07
CA ARG A 151 39.47 8.34 12.54
C ARG A 151 38.18 8.47 13.34
N GLU A 152 38.30 8.69 14.65
CA GLU A 152 37.11 8.88 15.48
C GLU A 152 36.47 10.21 15.12
N LEU A 153 37.31 11.22 14.88
CA LEU A 153 36.85 12.55 14.52
C LEU A 153 36.11 12.52 13.19
N VAL A 154 36.66 11.81 12.22
CA VAL A 154 36.02 11.72 10.90
C VAL A 154 34.61 11.14 11.05
N GLU A 155 34.46 10.14 11.90
CA GLU A 155 33.14 9.55 12.10
C GLU A 155 32.23 10.54 12.81
N LYS A 156 32.78 11.26 13.78
CA LYS A 156 32.00 12.24 14.53
C LYS A 156 31.51 13.37 13.63
N ILE A 157 32.29 13.70 12.60
CA ILE A 157 31.91 14.76 11.68
C ILE A 157 30.67 14.37 10.87
N GLY A 158 30.48 13.07 10.68
CA GLY A 158 29.32 12.61 9.93
C GLY A 158 29.63 11.55 8.89
N TYR A 159 30.91 11.22 8.72
CA TYR A 159 31.29 10.21 7.75
C TYR A 159 31.23 8.86 8.45
N LYS A 160 30.00 8.40 8.66
CA LYS A 160 29.72 7.15 9.34
C LYS A 160 28.46 6.54 8.72
N ILE A 161 28.48 5.23 8.53
CA ILE A 161 27.33 4.52 7.96
C ILE A 161 26.92 3.40 8.91
N ASP A 162 25.66 3.00 8.82
CA ASP A 162 25.13 1.95 9.68
C ASP A 162 25.53 0.55 9.22
N VAL B 2 8.64 -14.74 -20.97
CA VAL B 2 9.20 -13.82 -19.93
C VAL B 2 8.08 -13.10 -19.17
N ARG B 3 8.10 -13.24 -17.85
CA ARG B 3 7.11 -12.62 -16.98
C ARG B 3 7.52 -11.17 -16.72
N ILE B 4 6.57 -10.25 -16.78
CA ILE B 4 6.85 -8.84 -16.55
C ILE B 4 6.02 -8.27 -15.41
N GLU B 5 6.71 -7.67 -14.44
CA GLU B 5 6.06 -7.08 -13.27
C GLU B 5 6.34 -5.57 -13.23
N VAL B 6 5.40 -4.83 -12.65
CA VAL B 6 5.55 -3.38 -12.52
C VAL B 6 5.55 -3.09 -11.02
N ILE B 7 6.72 -2.69 -10.51
CA ILE B 7 6.87 -2.41 -9.10
C ILE B 7 6.79 -0.93 -8.76
N ASP B 8 5.87 -0.58 -7.88
CA ASP B 8 5.72 0.80 -7.45
C ASP B 8 6.76 1.03 -6.36
N ILE B 9 7.57 2.07 -6.52
CA ILE B 9 8.57 2.39 -5.52
C ILE B 9 7.87 3.04 -4.33
N GLU B 10 8.07 2.48 -3.15
CA GLU B 10 7.48 3.03 -1.94
C GLU B 10 8.46 4.01 -1.31
N LYS B 11 8.03 5.26 -1.19
CA LYS B 11 8.87 6.30 -0.63
C LYS B 11 8.04 7.47 -0.14
N PRO B 12 8.49 8.14 0.93
CA PRO B 12 7.75 9.29 1.47
C PRO B 12 7.73 10.45 0.49
N GLU B 13 6.80 11.37 0.69
CA GLU B 13 6.68 12.54 -0.16
C GLU B 13 7.97 13.34 -0.05
N GLY B 14 8.48 13.83 -1.17
CA GLY B 14 9.70 14.63 -1.16
C GLY B 14 10.99 13.85 -1.17
N VAL B 15 10.92 12.54 -0.98
CA VAL B 15 12.11 11.70 -1.00
C VAL B 15 12.51 11.38 -2.44
N GLU B 16 13.81 11.49 -2.72
CA GLU B 16 14.34 11.23 -4.06
C GLU B 16 14.77 9.77 -4.16
N VAL B 17 14.50 9.13 -5.29
CA VAL B 17 14.92 7.76 -5.48
C VAL B 17 15.85 7.67 -6.67
N ILE B 18 16.86 6.81 -6.55
CA ILE B 18 17.83 6.59 -7.62
C ILE B 18 18.00 5.08 -7.72
N ILE B 19 17.81 4.54 -8.92
CA ILE B 19 17.95 3.10 -9.13
C ILE B 19 19.11 2.90 -10.10
N GLY B 20 19.97 1.94 -9.80
CA GLY B 20 21.10 1.70 -10.68
C GLY B 20 21.51 0.23 -10.78
N GLN B 21 22.48 -0.03 -11.64
CA GLN B 21 23.00 -1.38 -11.86
C GLN B 21 24.48 -1.33 -11.51
N GLY B 22 24.92 -2.19 -10.61
CA GLY B 22 26.31 -2.16 -10.21
C GLY B 22 27.00 -3.51 -10.22
N ASN B 23 27.98 -3.65 -9.35
CA ASN B 23 28.76 -4.87 -9.25
C ASN B 23 29.44 -4.96 -7.89
N PHE B 24 29.75 -6.18 -7.46
CA PHE B 24 30.43 -6.41 -6.18
C PHE B 24 29.64 -5.83 -5.01
N SER B 25 28.38 -6.24 -4.91
CA SER B 25 27.46 -5.77 -3.88
C SER B 25 27.96 -5.62 -2.44
N ILE B 26 28.61 -6.65 -1.90
CA ILE B 26 29.06 -6.53 -0.51
C ILE B 26 30.04 -5.38 -0.27
N PHE B 27 30.81 -5.02 -1.29
CA PHE B 27 31.75 -3.91 -1.16
C PHE B 27 31.05 -2.59 -1.51
N THR B 28 30.38 -2.60 -2.67
CA THR B 28 29.71 -1.43 -3.19
C THR B 28 28.62 -0.82 -2.34
N VAL B 29 27.82 -1.66 -1.66
CA VAL B 29 26.74 -1.10 -0.85
C VAL B 29 27.33 -0.13 0.19
N ASP B 30 28.44 -0.51 0.80
CA ASP B 30 29.09 0.34 1.81
C ASP B 30 29.90 1.47 1.17
N ASP B 31 30.66 1.15 0.12
CA ASP B 31 31.51 2.13 -0.52
C ASP B 31 30.76 3.26 -1.22
N LEU B 32 29.65 2.93 -1.87
CA LEU B 32 28.85 3.95 -2.54
C LEU B 32 28.17 4.83 -1.50
N ALA B 33 27.82 4.22 -0.36
CA ALA B 33 27.18 4.98 0.72
C ALA B 33 28.19 6.03 1.21
N ARG B 34 29.44 5.61 1.39
CA ARG B 34 30.48 6.54 1.83
C ARG B 34 30.65 7.67 0.82
N ALA B 35 30.59 7.32 -0.47
CA ALA B 35 30.74 8.33 -1.52
C ALA B 35 29.62 9.35 -1.47
N LEU B 36 28.39 8.88 -1.26
CA LEU B 36 27.24 9.78 -1.19
C LEU B 36 27.41 10.82 -0.10
N LEU B 37 28.03 10.42 1.01
CA LEU B 37 28.26 11.34 2.12
C LEU B 37 29.14 12.52 1.71
N THR B 38 29.98 12.34 0.69
CA THR B 38 30.87 13.39 0.23
C THR B 38 30.21 14.36 -0.75
N ALA B 39 29.05 13.99 -1.27
CA ALA B 39 28.35 14.82 -2.25
C ALA B 39 27.69 16.07 -1.71
N VAL B 40 26.98 15.94 -0.60
CA VAL B 40 26.28 17.06 0.01
C VAL B 40 26.28 16.93 1.52
N PRO B 41 26.74 17.97 2.23
CA PRO B 41 26.77 17.90 3.70
C PRO B 41 25.35 17.75 4.24
N GLY B 42 25.17 16.86 5.20
CA GLY B 42 23.85 16.67 5.79
C GLY B 42 22.92 15.71 5.04
N ILE B 43 23.39 15.15 3.93
CA ILE B 43 22.57 14.22 3.17
C ILE B 43 22.13 13.05 4.06
N LYS B 44 20.86 12.69 3.97
CA LYS B 44 20.32 11.56 4.74
C LYS B 44 19.82 10.53 3.73
N PHE B 45 20.20 9.27 3.91
CA PHE B 45 19.81 8.27 2.94
C PHE B 45 19.91 6.83 3.38
N GLY B 46 19.35 5.98 2.53
CA GLY B 46 19.41 4.55 2.72
C GLY B 46 19.79 4.02 1.37
N ILE B 47 20.62 2.98 1.33
CA ILE B 47 21.01 2.37 0.07
C ILE B 47 20.99 0.86 0.26
N ALA B 48 20.43 0.16 -0.72
CA ALA B 48 20.34 -1.28 -0.69
C ALA B 48 20.81 -1.81 -2.03
N MET B 49 21.42 -3.00 -2.03
CA MET B 49 21.91 -3.58 -3.26
C MET B 49 21.81 -5.10 -3.20
N ASN B 50 21.35 -5.71 -4.29
CA ASN B 50 21.14 -7.15 -4.33
C ASN B 50 22.36 -7.97 -4.71
N GLU B 51 22.61 -9.03 -3.95
CA GLU B 51 23.73 -9.93 -4.20
C GLU B 51 23.14 -11.25 -4.68
N ALA B 52 23.48 -11.65 -5.90
CA ALA B 52 22.95 -12.86 -6.52
C ALA B 52 23.23 -14.21 -5.85
N LYS B 53 24.51 -14.56 -5.69
CA LYS B 53 24.90 -15.83 -5.11
C LYS B 53 24.07 -16.25 -3.89
N PRO B 54 24.10 -15.46 -2.80
CA PRO B 54 23.33 -15.83 -1.61
C PRO B 54 21.90 -15.30 -1.65
N GLN B 55 21.55 -14.64 -2.75
CA GLN B 55 20.21 -14.08 -2.92
C GLN B 55 19.81 -13.20 -1.74
N LEU B 56 20.71 -12.27 -1.39
CA LEU B 56 20.49 -11.35 -0.28
C LEU B 56 20.47 -9.88 -0.70
N THR B 57 19.61 -9.11 -0.06
CA THR B 57 19.55 -7.68 -0.31
C THR B 57 20.36 -7.06 0.81
N ARG B 58 21.48 -6.44 0.45
CA ARG B 58 22.37 -5.80 1.41
C ARG B 58 21.95 -4.34 1.53
N TYR B 59 22.21 -3.72 2.68
CA TYR B 59 21.84 -2.32 2.84
C TYR B 59 22.59 -1.59 3.94
N THR B 60 22.59 -0.27 3.84
CA THR B 60 23.25 0.59 4.82
C THR B 60 22.79 2.02 4.57
N GLY B 61 23.43 2.97 5.23
CA GLY B 61 23.06 4.37 5.08
C GLY B 61 23.21 5.07 6.42
N ASN B 62 22.51 6.19 6.58
CA ASN B 62 22.58 6.95 7.83
C ASN B 62 21.20 7.40 8.28
N ASP B 63 20.18 6.64 7.89
CA ASP B 63 18.78 6.94 8.25
C ASP B 63 18.03 5.61 8.33
N PRO B 64 17.62 5.22 9.53
CA PRO B 64 16.88 3.96 9.76
C PRO B 64 15.72 3.69 8.81
N GLU B 65 14.82 4.66 8.72
CA GLU B 65 13.64 4.51 7.87
C GLU B 65 13.95 4.43 6.37
N LEU B 66 14.86 5.27 5.89
CA LEU B 66 15.19 5.25 4.47
C LEU B 66 15.94 3.97 4.12
N GLU B 67 16.67 3.44 5.10
CA GLU B 67 17.40 2.20 4.89
C GLU B 67 16.42 1.04 4.77
N ALA B 68 15.44 0.99 5.68
CA ALA B 68 14.44 -0.07 5.65
C ALA B 68 13.65 0.00 4.35
N LEU B 69 13.30 1.21 3.91
CA LEU B 69 12.54 1.36 2.68
C LEU B 69 13.38 1.05 1.44
N ALA B 70 14.67 1.43 1.47
CA ALA B 70 15.53 1.14 0.34
C ALA B 70 15.67 -0.38 0.19
N ALA B 71 15.82 -1.07 1.31
CA ALA B 71 15.95 -2.52 1.31
C ALA B 71 14.68 -3.20 0.83
N LYS B 72 13.53 -2.70 1.28
CA LYS B 72 12.25 -3.27 0.88
C LYS B 72 12.06 -3.14 -0.62
N ASN B 73 12.33 -1.95 -1.16
CA ASN B 73 12.19 -1.71 -2.59
C ASN B 73 13.17 -2.57 -3.38
N ALA B 74 14.40 -2.66 -2.89
CA ALA B 74 15.43 -3.46 -3.57
C ALA B 74 15.09 -4.94 -3.64
N VAL B 75 14.62 -5.51 -2.53
CA VAL B 75 14.29 -6.94 -2.52
C VAL B 75 13.05 -7.23 -3.38
N LYS B 76 12.10 -6.29 -3.41
CA LYS B 76 10.91 -6.48 -4.24
C LYS B 76 11.34 -6.50 -5.70
N ILE B 77 12.32 -5.65 -6.05
CA ILE B 77 12.82 -5.61 -7.42
C ILE B 77 13.59 -6.92 -7.63
N GLY B 78 14.35 -7.31 -6.61
CA GLY B 78 15.08 -8.55 -6.63
C GLY B 78 16.27 -8.74 -7.55
N ALA B 79 16.22 -8.17 -8.75
CA ALA B 79 17.30 -8.31 -9.73
C ALA B 79 18.71 -8.18 -9.15
N GLY B 80 19.57 -9.14 -9.48
CA GLY B 80 20.94 -9.11 -9.00
C GLY B 80 21.73 -7.88 -9.42
N HIS B 81 22.57 -7.39 -8.51
CA HIS B 81 23.46 -6.23 -8.71
C HIS B 81 22.71 -4.88 -8.89
N VAL B 82 21.41 -4.85 -8.65
CA VAL B 82 20.67 -3.60 -8.74
C VAL B 82 20.80 -2.91 -7.38
N PHE B 83 20.92 -1.59 -7.39
CA PHE B 83 20.97 -0.85 -6.14
C PHE B 83 19.89 0.21 -6.13
N VAL B 84 19.37 0.48 -4.94
CA VAL B 84 18.32 1.46 -4.76
C VAL B 84 18.72 2.44 -3.69
N ILE B 85 18.62 3.73 -4.01
CA ILE B 85 18.96 4.78 -3.07
C ILE B 85 17.73 5.64 -2.81
N LEU B 86 17.46 5.93 -1.55
CA LEU B 86 16.36 6.81 -1.17
C LEU B 86 17.05 7.88 -0.32
N MET B 87 16.91 9.13 -0.71
CA MET B 87 17.58 10.21 0.01
C MET B 87 16.75 11.47 0.17
N LYS B 88 17.22 12.34 1.06
CA LYS B 88 16.61 13.64 1.32
C LYS B 88 17.75 14.57 1.72
N ASN B 89 17.49 15.87 1.74
CA ASN B 89 18.51 16.86 2.10
C ASN B 89 19.55 16.94 0.98
N ALA B 90 19.14 16.52 -0.21
CA ALA B 90 20.00 16.54 -1.38
C ALA B 90 19.15 16.18 -2.60
N TYR B 91 19.58 16.64 -3.76
CA TYR B 91 18.86 16.37 -5.01
C TYR B 91 19.73 15.56 -5.95
N PRO B 92 19.11 14.87 -6.92
CA PRO B 92 19.88 14.06 -7.87
C PRO B 92 20.98 14.84 -8.57
N ILE B 93 20.69 16.08 -8.94
CA ILE B 93 21.69 16.90 -9.63
C ILE B 93 22.95 17.12 -8.78
N ASN B 94 22.85 16.92 -7.47
CA ASN B 94 23.98 17.09 -6.57
C ASN B 94 24.76 15.78 -6.38
N VAL B 95 24.16 14.65 -6.74
CA VAL B 95 24.82 13.37 -6.50
C VAL B 95 24.99 12.39 -7.65
N LEU B 96 24.33 12.62 -8.77
CA LEU B 96 24.45 11.67 -9.88
C LEU B 96 25.88 11.44 -10.34
N ASN B 97 26.67 12.51 -10.44
CA ASN B 97 28.05 12.36 -10.87
C ASN B 97 28.88 11.52 -9.91
N THR B 98 28.61 11.64 -8.61
CA THR B 98 29.32 10.85 -7.61
C THR B 98 29.05 9.37 -7.85
N ILE B 99 27.80 9.04 -8.16
CA ILE B 99 27.38 7.66 -8.41
C ILE B 99 27.97 7.16 -9.74
N LYS B 100 27.88 7.97 -10.78
CA LYS B 100 28.42 7.57 -12.08
C LYS B 100 29.94 7.42 -12.01
N ASN B 101 30.56 8.17 -11.10
CA ASN B 101 32.01 8.19 -10.91
C ASN B 101 32.50 6.95 -10.12
N HIS B 102 31.58 6.24 -9.48
CA HIS B 102 31.98 5.09 -8.67
C HIS B 102 32.45 3.92 -9.55
N PRO B 103 33.62 3.35 -9.22
CA PRO B 103 34.21 2.24 -10.00
C PRO B 103 33.41 0.94 -10.11
N ALA B 104 32.44 0.73 -9.23
CA ALA B 104 31.64 -0.50 -9.30
C ALA B 104 30.23 -0.25 -9.86
N VAL B 105 29.99 0.96 -10.35
CA VAL B 105 28.69 1.29 -10.90
C VAL B 105 28.71 1.18 -12.43
N ALA B 106 27.76 0.45 -12.99
CA ALA B 106 27.69 0.29 -14.43
C ALA B 106 26.84 1.41 -15.02
N MET B 107 25.61 1.54 -14.50
CA MET B 107 24.71 2.57 -15.00
C MET B 107 23.65 2.96 -13.98
N ILE B 108 22.96 4.05 -14.27
CA ILE B 108 21.88 4.55 -13.43
C ILE B 108 20.61 4.57 -14.27
N TYR B 109 19.60 3.81 -13.84
CA TYR B 109 18.32 3.72 -14.54
C TYR B 109 17.52 5.02 -14.53
N GLY B 110 17.48 5.69 -13.39
CA GLY B 110 16.73 6.92 -13.30
C GLY B 110 16.83 7.52 -11.93
N ALA B 111 16.38 8.76 -11.78
CA ALA B 111 16.43 9.44 -10.49
C ALA B 111 15.41 10.58 -10.46
N SER B 112 14.61 10.62 -9.39
CA SER B 112 13.62 11.70 -9.25
C SER B 112 12.79 11.53 -7.98
N GLU B 113 11.84 12.45 -7.80
CA GLU B 113 10.94 12.40 -6.66
C GLU B 113 9.51 12.17 -7.16
N ASN B 114 9.37 11.93 -8.46
CA ASN B 114 8.05 11.66 -9.05
C ASN B 114 7.53 10.31 -8.60
N PRO B 115 6.24 10.05 -8.82
CA PRO B 115 5.71 8.73 -8.44
C PRO B 115 6.61 7.90 -9.36
N PHE B 116 7.16 6.82 -8.86
CA PHE B 116 8.14 6.04 -9.63
C PHE B 116 7.85 4.55 -9.69
N GLN B 117 8.07 3.95 -10.86
CA GLN B 117 7.86 2.51 -11.02
C GLN B 117 9.06 1.85 -11.67
N VAL B 118 9.27 0.58 -11.34
CA VAL B 118 10.36 -0.19 -11.93
C VAL B 118 9.73 -1.38 -12.65
N ILE B 119 10.00 -1.49 -13.94
CA ILE B 119 9.46 -2.59 -14.72
C ILE B 119 10.49 -3.72 -14.68
N VAL B 120 10.07 -4.87 -14.18
CA VAL B 120 10.97 -6.01 -14.03
C VAL B 120 10.54 -7.24 -14.82
N ALA B 121 11.51 -7.88 -15.46
CA ALA B 121 11.27 -9.09 -16.23
C ALA B 121 11.84 -10.24 -15.42
N GLU B 122 11.20 -11.40 -15.49
CA GLU B 122 11.67 -12.56 -14.74
C GLU B 122 11.81 -13.79 -15.62
N THR B 123 12.96 -14.46 -15.50
CA THR B 123 13.24 -15.67 -16.26
C THR B 123 13.37 -16.80 -15.25
N GLU B 124 13.83 -17.96 -15.69
CA GLU B 124 14.01 -19.09 -14.79
C GLU B 124 15.23 -18.90 -13.90
N LEU B 125 16.14 -18.02 -14.33
CA LEU B 125 17.35 -17.73 -13.58
C LEU B 125 17.12 -16.67 -12.51
N GLY B 126 16.63 -15.51 -12.93
CA GLY B 126 16.39 -14.43 -12.00
C GLY B 126 15.56 -13.31 -12.59
N ARG B 127 15.82 -12.08 -12.13
CA ARG B 127 15.08 -10.92 -12.61
C ARG B 127 15.96 -9.85 -13.25
N ALA B 128 15.33 -8.97 -14.03
CA ALA B 128 16.05 -7.90 -14.71
C ALA B 128 15.22 -6.63 -14.79
N VAL B 129 15.85 -5.50 -14.48
CA VAL B 129 15.15 -4.23 -14.58
C VAL B 129 15.14 -3.89 -16.07
N ILE B 130 13.96 -3.80 -16.69
CA ILE B 130 13.93 -3.48 -18.11
C ILE B 130 13.57 -2.02 -18.37
N GLY B 131 13.23 -1.29 -17.31
CA GLY B 131 12.90 0.11 -17.51
C GLY B 131 12.29 0.74 -16.28
N VAL B 132 12.14 2.06 -16.31
CA VAL B 132 11.54 2.76 -15.19
C VAL B 132 10.52 3.77 -15.68
N VAL B 133 9.40 3.86 -14.96
CA VAL B 133 8.37 4.82 -15.30
C VAL B 133 8.61 5.96 -14.32
N ASP B 134 9.23 7.02 -14.81
CA ASP B 134 9.54 8.17 -13.98
C ASP B 134 8.44 9.20 -14.08
N GLY B 135 7.37 9.02 -13.29
CA GLY B 135 6.25 9.95 -13.30
C GLY B 135 5.33 9.78 -14.50
N LYS B 136 4.37 10.69 -14.63
CA LYS B 136 3.44 10.61 -15.73
C LYS B 136 4.19 10.95 -17.03
N ALA B 137 3.60 10.57 -18.16
CA ALA B 137 4.21 10.81 -19.47
C ALA B 137 3.74 12.15 -20.02
N ALA B 138 4.61 12.82 -20.77
CA ALA B 138 4.29 14.11 -21.37
C ALA B 138 3.36 13.89 -22.55
N ASN B 139 2.40 14.79 -22.75
CA ASN B 139 1.47 14.65 -23.87
C ASN B 139 1.25 15.97 -24.61
N LYS B 140 2.01 16.99 -24.24
CA LYS B 140 1.91 18.29 -24.88
C LYS B 140 3.29 18.95 -24.96
N ILE B 141 3.59 19.53 -26.11
CA ILE B 141 4.86 20.24 -26.29
C ILE B 141 4.66 21.66 -25.79
N GLU B 142 5.59 22.13 -24.96
CA GLU B 142 5.52 23.46 -24.37
C GLU B 142 5.36 24.58 -25.39
N THR B 143 4.65 25.64 -24.98
CA THR B 143 4.45 26.80 -25.84
C THR B 143 5.58 27.76 -25.55
N ASP B 144 5.70 28.81 -26.35
CA ASP B 144 6.75 29.80 -26.14
C ASP B 144 6.60 30.47 -24.79
N GLU B 145 5.36 30.68 -24.37
CA GLU B 145 5.09 31.31 -23.08
C GLU B 145 5.49 30.38 -21.95
N GLN B 146 5.27 29.08 -22.14
CA GLN B 146 5.63 28.11 -21.11
C GLN B 146 7.14 28.01 -20.99
N LYS B 147 7.86 28.34 -22.07
CA LYS B 147 9.31 28.33 -22.06
C LYS B 147 9.75 29.43 -21.09
N LYS B 148 9.16 30.61 -21.25
CA LYS B 148 9.49 31.75 -20.39
C LYS B 148 9.13 31.45 -18.95
N GLU B 149 8.05 30.69 -18.76
CA GLU B 149 7.61 30.34 -17.42
C GLU B 149 8.64 29.49 -16.68
N ARG B 150 9.11 28.43 -17.32
CA ARG B 150 10.08 27.55 -16.67
C ARG B 150 11.42 28.24 -16.43
N ARG B 151 11.85 29.07 -17.36
CA ARG B 151 13.12 29.78 -17.22
C ARG B 151 13.08 30.76 -16.05
N GLU B 152 11.92 31.35 -15.81
CA GLU B 152 11.77 32.28 -14.69
C GLU B 152 11.79 31.48 -13.40
N LEU B 153 11.16 30.31 -13.43
CA LEU B 153 11.10 29.45 -12.26
C LEU B 153 12.49 28.94 -11.89
N VAL B 154 13.26 28.56 -12.90
CA VAL B 154 14.62 28.07 -12.66
C VAL B 154 15.45 29.13 -11.92
N GLU B 155 15.31 30.39 -12.35
CA GLU B 155 16.05 31.46 -11.69
C GLU B 155 15.54 31.66 -10.26
N LYS B 156 14.22 31.64 -10.09
CA LYS B 156 13.62 31.82 -8.77
C LYS B 156 14.02 30.71 -7.80
N ILE B 157 14.22 29.50 -8.32
CA ILE B 157 14.62 28.37 -7.49
C ILE B 157 16.00 28.61 -6.88
N GLY B 158 16.82 29.41 -7.56
CA GLY B 158 18.15 29.70 -7.05
C GLY B 158 19.25 29.61 -8.10
N TYR B 159 18.90 29.16 -9.30
CA TYR B 159 19.87 29.05 -10.38
C TYR B 159 19.99 30.38 -11.11
N LYS B 160 20.66 31.32 -10.46
CA LYS B 160 20.86 32.66 -11.01
C LYS B 160 22.17 33.24 -10.51
N ILE B 161 22.88 33.94 -11.40
CA ILE B 161 24.15 34.56 -11.05
C ILE B 161 24.06 36.06 -11.32
N ASP B 162 24.91 36.83 -10.65
CA ASP B 162 24.92 38.29 -10.82
C ASP B 162 25.67 38.73 -12.07
N MET C 1 12.52 -10.34 6.74
CA MET C 1 11.87 -9.02 7.02
C MET C 1 10.42 -9.18 7.46
N VAL C 2 10.03 -8.40 8.45
CA VAL C 2 8.66 -8.41 8.96
C VAL C 2 8.26 -7.03 9.44
N ARG C 3 7.69 -6.23 8.54
CA ARG C 3 7.24 -4.90 8.89
C ARG C 3 5.74 -4.96 9.10
N ILE C 4 5.28 -4.46 10.23
CA ILE C 4 3.87 -4.48 10.55
C ILE C 4 3.25 -3.10 10.37
N GLU C 5 2.08 -3.04 9.75
CA GLU C 5 1.37 -1.78 9.54
C GLU C 5 -0.11 -1.96 9.86
N VAL C 6 -0.75 -0.85 10.20
CA VAL C 6 -2.17 -0.87 10.54
C VAL C 6 -2.98 -0.18 9.46
N ILE C 7 -3.96 -0.89 8.93
CA ILE C 7 -4.81 -0.34 7.87
C ILE C 7 -6.21 -0.06 8.39
N ASP C 8 -6.64 1.18 8.25
CA ASP C 8 -7.98 1.57 8.67
C ASP C 8 -8.93 1.29 7.51
N ILE C 9 -9.98 0.51 7.79
CA ILE C 9 -10.96 0.17 6.77
C ILE C 9 -11.82 1.39 6.47
N GLU C 10 -11.85 1.78 5.20
CA GLU C 10 -12.65 2.93 4.79
C GLU C 10 -14.05 2.44 4.44
N LYS C 11 -15.05 2.96 5.15
CA LYS C 11 -16.42 2.55 4.88
C LYS C 11 -17.43 3.54 5.43
N PRO C 12 -18.58 3.66 4.77
CA PRO C 12 -19.64 4.58 5.21
C PRO C 12 -20.23 4.11 6.53
N GLU C 13 -20.81 5.05 7.28
CA GLU C 13 -21.43 4.73 8.55
C GLU C 13 -22.59 3.77 8.26
N GLY C 14 -22.73 2.74 9.08
CA GLY C 14 -23.80 1.77 8.88
C GLY C 14 -23.43 0.58 8.01
N VAL C 15 -22.36 0.72 7.23
CA VAL C 15 -21.92 -0.37 6.35
C VAL C 15 -21.15 -1.42 7.15
N GLU C 16 -21.47 -2.68 6.89
CA GLU C 16 -20.83 -3.80 7.59
C GLU C 16 -19.64 -4.30 6.77
N VAL C 17 -18.55 -4.64 7.46
CA VAL C 17 -17.38 -5.17 6.77
C VAL C 17 -17.06 -6.57 7.25
N ILE C 18 -16.65 -7.42 6.32
CA ILE C 18 -16.26 -8.79 6.61
C ILE C 18 -14.95 -9.03 5.88
N ILE C 19 -13.94 -9.49 6.59
CA ILE C 19 -12.64 -9.78 5.98
C ILE C 19 -12.36 -11.26 6.16
N GLY C 20 -11.91 -11.93 5.10
CA GLY C 20 -11.63 -13.34 5.21
C GLY C 20 -10.44 -13.79 4.37
N GLN C 21 -10.11 -15.08 4.52
CA GLN C 21 -9.00 -15.68 3.79
C GLN C 21 -9.62 -16.79 2.94
N GLY C 22 -9.37 -16.76 1.64
CA GLY C 22 -9.93 -17.76 0.76
C GLY C 22 -8.94 -18.43 -0.17
N ASN C 23 -9.44 -18.85 -1.33
CA ASN C 23 -8.62 -19.53 -2.32
C ASN C 23 -9.31 -19.44 -3.68
N PHE C 24 -8.52 -19.59 -4.75
CA PHE C 24 -9.05 -19.57 -6.12
C PHE C 24 -9.80 -18.26 -6.39
N SER C 25 -9.10 -17.15 -6.21
CA SER C 25 -9.67 -15.82 -6.38
C SER C 25 -10.53 -15.53 -7.61
N ILE C 26 -10.08 -15.88 -8.80
CA ILE C 26 -10.88 -15.57 -9.99
C ILE C 26 -12.26 -16.23 -9.98
N PHE C 27 -12.37 -17.41 -9.37
CA PHE C 27 -13.65 -18.11 -9.29
C PHE C 27 -14.46 -17.61 -8.10
N THR C 28 -13.80 -17.62 -6.94
CA THR C 28 -14.43 -17.25 -5.68
C THR C 28 -15.01 -15.85 -5.55
N VAL C 29 -14.37 -14.85 -6.16
CA VAL C 29 -14.89 -13.49 -6.04
C VAL C 29 -16.32 -13.44 -6.59
N ASP C 30 -16.54 -14.13 -7.70
CA ASP C 30 -17.86 -14.18 -8.33
C ASP C 30 -18.80 -15.16 -7.63
N ASP C 31 -18.29 -16.34 -7.33
CA ASP C 31 -19.11 -17.37 -6.71
C ASP C 31 -19.58 -17.01 -5.30
N LEU C 32 -18.70 -16.36 -4.53
CA LEU C 32 -19.07 -15.96 -3.17
C LEU C 32 -20.07 -14.82 -3.28
N ALA C 33 -19.93 -13.99 -4.31
CA ALA C 33 -20.86 -12.88 -4.52
C ALA C 33 -22.25 -13.48 -4.76
N ARG C 34 -22.32 -14.52 -5.59
CA ARG C 34 -23.59 -15.17 -5.88
C ARG C 34 -24.19 -15.76 -4.61
N ALA C 35 -23.34 -16.34 -3.76
CA ALA C 35 -23.80 -16.92 -2.52
C ALA C 35 -24.41 -15.87 -1.59
N LEU C 36 -23.76 -14.72 -1.49
CA LEU C 36 -24.26 -13.64 -0.63
C LEU C 36 -25.67 -13.22 -1.02
N LEU C 37 -25.95 -13.23 -2.32
CA LEU C 37 -27.29 -12.85 -2.79
C LEU C 37 -28.37 -13.78 -2.25
N THR C 38 -28.01 -15.01 -1.89
CA THR C 38 -28.99 -15.96 -1.37
C THR C 38 -29.23 -15.83 0.14
N ALA C 39 -28.36 -15.09 0.81
CA ALA C 39 -28.48 -14.94 2.26
C ALA C 39 -29.63 -14.05 2.73
N VAL C 40 -29.76 -12.88 2.14
CA VAL C 40 -30.83 -11.94 2.52
C VAL C 40 -31.32 -11.21 1.28
N PRO C 41 -32.64 -11.26 1.01
CA PRO C 41 -33.09 -10.54 -0.18
C PRO C 41 -32.90 -9.04 -0.01
N GLY C 42 -32.47 -8.38 -1.08
CA GLY C 42 -32.25 -6.95 -1.03
C GLY C 42 -30.85 -6.55 -0.60
N ILE C 43 -30.04 -7.52 -0.19
CA ILE C 43 -28.68 -7.24 0.22
C ILE C 43 -27.92 -6.50 -0.88
N LYS C 44 -27.20 -5.45 -0.48
CA LYS C 44 -26.41 -4.66 -1.42
C LYS C 44 -24.97 -4.75 -0.93
N PHE C 45 -24.05 -5.08 -1.83
CA PHE C 45 -22.67 -5.25 -1.41
C PHE C 45 -21.62 -5.15 -2.50
N GLY C 46 -20.38 -5.13 -2.03
CA GLY C 46 -19.24 -5.11 -2.91
C GLY C 46 -18.29 -6.14 -2.32
N ILE C 47 -17.64 -6.93 -3.16
CA ILE C 47 -16.67 -7.91 -2.68
C ILE C 47 -15.42 -7.84 -3.55
N ALA C 48 -14.26 -7.87 -2.92
CA ALA C 48 -13.00 -7.82 -3.63
C ALA C 48 -12.10 -8.91 -3.07
N MET C 49 -11.27 -9.50 -3.91
CA MET C 49 -10.39 -10.56 -3.46
C MET C 49 -9.08 -10.50 -4.22
N ASN C 50 -7.98 -10.66 -3.49
CA ASN C 50 -6.64 -10.56 -4.07
C ASN C 50 -6.10 -11.85 -4.69
N GLU C 51 -5.61 -11.71 -5.92
CA GLU C 51 -5.03 -12.84 -6.64
C GLU C 51 -3.52 -12.60 -6.71
N ALA C 52 -2.76 -13.50 -6.10
CA ALA C 52 -1.30 -13.42 -6.01
C ALA C 52 -0.50 -13.38 -7.31
N LYS C 53 -0.60 -14.43 -8.11
CA LYS C 53 0.15 -14.52 -9.37
C LYS C 53 0.22 -13.22 -10.17
N PRO C 54 -0.94 -12.64 -10.55
CA PRO C 54 -0.92 -11.40 -11.33
C PRO C 54 -0.94 -10.16 -10.44
N GLN C 55 -0.96 -10.38 -9.13
CA GLN C 55 -0.99 -9.30 -8.15
C GLN C 55 -2.12 -8.33 -8.48
N LEU C 56 -3.31 -8.89 -8.65
CA LEU C 56 -4.50 -8.12 -8.97
C LEU C 56 -5.60 -8.28 -7.95
N THR C 57 -6.33 -7.19 -7.72
CA THR C 57 -7.47 -7.21 -6.81
C THR C 57 -8.70 -7.35 -7.70
N ARG C 58 -9.39 -8.48 -7.58
CA ARG C 58 -10.59 -8.75 -8.36
C ARG C 58 -11.78 -8.27 -7.55
N TYR C 59 -12.88 -7.96 -8.22
CA TYR C 59 -14.07 -7.48 -7.50
C TYR C 59 -15.40 -7.63 -8.29
N THR C 60 -16.49 -7.71 -7.49
CA THR C 60 -17.84 -7.62 -8.01
C THR C 60 -18.87 -7.43 -6.88
N GLY C 61 -20.05 -7.49 -7.29
CA GLY C 61 -21.09 -7.20 -6.32
C GLY C 61 -22.30 -6.66 -7.06
N ASN C 62 -23.14 -5.91 -6.37
CA ASN C 62 -24.34 -5.36 -7.00
C ASN C 62 -24.57 -3.90 -6.59
N ASP C 63 -23.49 -3.22 -6.22
CA ASP C 63 -23.54 -1.82 -5.81
C ASP C 63 -22.22 -1.15 -6.18
N PRO C 64 -22.28 -0.18 -7.11
CA PRO C 64 -21.09 0.55 -7.56
C PRO C 64 -20.20 1.09 -6.44
N GLU C 65 -20.80 1.83 -5.52
CA GLU C 65 -20.06 2.43 -4.40
C GLU C 65 -19.36 1.41 -3.51
N LEU C 66 -20.10 0.42 -3.03
CA LEU C 66 -19.51 -0.59 -2.15
C LEU C 66 -18.45 -1.41 -2.89
N GLU C 67 -18.62 -1.58 -4.19
CA GLU C 67 -17.66 -2.33 -4.99
C GLU C 67 -16.34 -1.55 -5.06
N ALA C 68 -16.43 -0.25 -5.33
CA ALA C 68 -15.23 0.58 -5.41
C ALA C 68 -14.51 0.58 -4.06
N LEU C 69 -15.28 0.71 -2.97
CA LEU C 69 -14.69 0.72 -1.64
C LEU C 69 -14.09 -0.62 -1.23
N ALA C 70 -14.74 -1.71 -1.61
CA ALA C 70 -14.25 -3.03 -1.28
C ALA C 70 -12.91 -3.26 -1.96
N ALA C 71 -12.82 -2.87 -3.24
CA ALA C 71 -11.58 -3.03 -3.99
C ALA C 71 -10.47 -2.15 -3.43
N LYS C 72 -10.80 -0.93 -3.06
CA LYS C 72 -9.82 0.00 -2.51
C LYS C 72 -9.21 -0.56 -1.23
N ASN C 73 -10.06 -1.09 -0.36
CA ASN C 73 -9.61 -1.66 0.90
C ASN C 73 -8.81 -2.94 0.66
N ALA C 74 -9.28 -3.79 -0.24
CA ALA C 74 -8.60 -5.04 -0.54
C ALA C 74 -7.21 -4.84 -1.14
N VAL C 75 -7.07 -3.92 -2.08
CA VAL C 75 -5.76 -3.70 -2.70
C VAL C 75 -4.77 -3.08 -1.72
N LYS C 76 -5.30 -2.31 -0.76
CA LYS C 76 -4.36 -1.73 0.18
C LYS C 76 -3.95 -2.80 1.18
N ILE C 77 -4.84 -3.72 1.54
CA ILE C 77 -4.45 -4.84 2.39
C ILE C 77 -3.43 -5.66 1.61
N GLY C 78 -3.69 -5.84 0.31
CA GLY C 78 -2.78 -6.55 -0.57
C GLY C 78 -2.58 -8.05 -0.42
N ALA C 79 -2.54 -8.54 0.80
CA ALA C 79 -2.32 -9.97 1.06
C ALA C 79 -3.07 -10.89 0.11
N GLY C 80 -2.33 -11.84 -0.48
CA GLY C 80 -2.93 -12.78 -1.40
C GLY C 80 -4.04 -13.62 -0.80
N HIS C 81 -5.08 -13.86 -1.59
CA HIS C 81 -6.25 -14.70 -1.22
C HIS C 81 -7.14 -14.08 -0.11
N VAL C 82 -6.90 -12.83 0.27
CA VAL C 82 -7.74 -12.19 1.27
C VAL C 82 -8.93 -11.57 0.52
N PHE C 83 -10.11 -11.65 1.10
CA PHE C 83 -11.28 -11.05 0.47
C PHE C 83 -11.92 -10.07 1.44
N VAL C 84 -12.49 -9.01 0.87
CA VAL C 84 -13.15 -7.98 1.64
C VAL C 84 -14.57 -7.79 1.15
N ILE C 85 -15.50 -7.77 2.10
CA ILE C 85 -16.91 -7.59 1.79
C ILE C 85 -17.44 -6.37 2.53
N LEU C 86 -18.13 -5.50 1.81
CA LEU C 86 -18.76 -4.33 2.40
C LEU C 86 -20.22 -4.46 1.98
N MET C 87 -21.11 -4.47 2.96
CA MET C 87 -22.52 -4.65 2.66
C MET C 87 -23.46 -3.80 3.50
N LYS C 88 -24.70 -3.73 3.03
CA LYS C 88 -25.77 -3.02 3.71
C LYS C 88 -27.06 -3.79 3.44
N ASN C 89 -28.11 -3.50 4.21
CA ASN C 89 -29.39 -4.17 4.07
C ASN C 89 -29.26 -5.65 4.47
N ALA C 90 -28.28 -5.92 5.32
CA ALA C 90 -28.02 -7.25 5.82
C ALA C 90 -27.01 -7.11 6.95
N TYR C 91 -27.05 -8.04 7.90
CA TYR C 91 -26.14 -8.02 9.03
C TYR C 91 -25.26 -9.26 9.01
N PRO C 92 -24.09 -9.19 9.66
CA PRO C 92 -23.18 -10.35 9.69
C PRO C 92 -23.87 -11.64 10.14
N ILE C 93 -24.74 -11.53 11.14
CA ILE C 93 -25.44 -12.72 11.65
C ILE C 93 -26.32 -13.37 10.59
N ASN C 94 -26.65 -12.63 9.53
CA ASN C 94 -27.49 -13.17 8.45
C ASN C 94 -26.65 -13.81 7.35
N VAL C 95 -25.36 -13.47 7.29
CA VAL C 95 -24.52 -13.99 6.21
C VAL C 95 -23.25 -14.77 6.55
N LEU C 96 -22.80 -14.72 7.81
CA LEU C 96 -21.57 -15.43 8.15
C LEU C 96 -21.56 -16.91 7.81
N ASN C 97 -22.66 -17.61 8.09
CA ASN C 97 -22.69 -19.04 7.79
C ASN C 97 -22.60 -19.30 6.29
N THR C 98 -23.17 -18.40 5.48
CA THR C 98 -23.12 -18.57 4.03
C THR C 98 -21.66 -18.50 3.58
N ILE C 99 -20.90 -17.58 4.17
CA ILE C 99 -19.50 -17.41 3.84
C ILE C 99 -18.65 -18.57 4.35
N LYS C 100 -18.84 -18.93 5.62
CA LYS C 100 -18.08 -20.03 6.22
C LYS C 100 -18.29 -21.35 5.48
N ASN C 101 -19.48 -21.53 4.92
CA ASN C 101 -19.78 -22.78 4.23
C ASN C 101 -19.40 -22.76 2.74
N HIS C 102 -18.76 -21.68 2.26
CA HIS C 102 -18.37 -21.66 0.86
C HIS C 102 -17.13 -22.55 0.74
N PRO C 103 -17.11 -23.45 -0.26
CA PRO C 103 -15.99 -24.38 -0.46
C PRO C 103 -14.60 -23.80 -0.71
N ALA C 104 -14.51 -22.52 -1.05
CA ALA C 104 -13.21 -21.89 -1.30
C ALA C 104 -12.80 -20.92 -0.20
N VAL C 105 -13.56 -20.91 0.89
CA VAL C 105 -13.25 -20.03 2.01
C VAL C 105 -12.53 -20.81 3.11
N ALA C 106 -11.39 -20.29 3.55
CA ALA C 106 -10.62 -20.94 4.60
C ALA C 106 -11.15 -20.46 5.95
N MET C 107 -11.18 -19.15 6.13
CA MET C 107 -11.65 -18.58 7.39
C MET C 107 -12.10 -17.13 7.25
N ILE C 108 -12.73 -16.64 8.31
CA ILE C 108 -13.20 -15.26 8.37
C ILE C 108 -12.51 -14.58 9.55
N TYR C 109 -11.75 -13.52 9.27
CA TYR C 109 -11.02 -12.77 10.30
C TYR C 109 -11.96 -12.05 11.26
N GLY C 110 -13.01 -11.44 10.73
CA GLY C 110 -13.94 -10.72 11.58
C GLY C 110 -15.03 -10.04 10.79
N ALA C 111 -16.02 -9.49 11.48
CA ALA C 111 -17.13 -8.80 10.83
C ALA C 111 -17.89 -7.90 11.78
N SER C 112 -18.20 -6.68 11.33
CA SER C 112 -18.95 -5.73 12.14
C SER C 112 -19.09 -4.39 11.46
N GLU C 113 -19.68 -3.43 12.18
CA GLU C 113 -19.85 -2.09 11.66
C GLU C 113 -19.05 -1.10 12.51
N ASN C 114 -18.28 -1.61 13.47
CA ASN C 114 -17.46 -0.75 14.32
C ASN C 114 -16.30 -0.17 13.51
N PRO C 115 -15.59 0.82 14.08
CA PRO C 115 -14.45 1.38 13.36
C PRO C 115 -13.59 0.12 13.27
N PHE C 116 -13.03 -0.17 12.10
CA PHE C 116 -12.31 -1.43 11.90
C PHE C 116 -10.91 -1.26 11.32
N GLN C 117 -9.97 -2.08 11.81
CA GLN C 117 -8.59 -2.04 11.31
C GLN C 117 -8.09 -3.43 10.98
N VAL C 118 -7.22 -3.52 9.97
CA VAL C 118 -6.62 -4.78 9.60
C VAL C 118 -5.13 -4.61 9.82
N ILE C 119 -4.54 -5.48 10.65
CA ILE C 119 -3.13 -5.42 10.93
C ILE C 119 -2.42 -6.33 9.92
N VAL C 120 -1.54 -5.73 9.12
CA VAL C 120 -0.83 -6.47 8.09
C VAL C 120 0.68 -6.52 8.30
N ALA C 121 1.24 -7.71 8.09
CA ALA C 121 2.68 -7.91 8.20
C ALA C 121 3.19 -8.11 6.78
N GLU C 122 4.33 -7.49 6.44
CA GLU C 122 4.88 -7.67 5.11
C GLU C 122 6.28 -8.24 5.18
N THR C 123 6.53 -9.26 4.37
CA THR C 123 7.82 -9.91 4.29
C THR C 123 8.40 -9.63 2.91
N GLU C 124 9.54 -10.25 2.60
CA GLU C 124 10.15 -10.05 1.29
C GLU C 124 9.29 -10.67 0.19
N LEU C 125 8.46 -11.64 0.55
CA LEU C 125 7.59 -12.30 -0.42
C LEU C 125 6.28 -11.57 -0.64
N GLY C 126 5.53 -11.33 0.43
CA GLY C 126 4.26 -10.65 0.29
C GLY C 126 3.70 -10.14 1.59
N ARG C 127 2.38 -10.06 1.67
CA ARG C 127 1.72 -9.55 2.86
C ARG C 127 0.79 -10.57 3.51
N ALA C 128 0.57 -10.39 4.80
CA ALA C 128 -0.28 -11.31 5.57
C ALA C 128 -1.12 -10.56 6.60
N VAL C 129 -2.38 -10.93 6.71
CA VAL C 129 -3.24 -10.31 7.71
C VAL C 129 -2.94 -11.05 9.00
N ILE C 130 -2.45 -10.35 10.01
CA ILE C 130 -2.14 -11.01 11.27
C ILE C 130 -3.19 -10.75 12.34
N GLY C 131 -4.20 -9.96 12.02
CA GLY C 131 -5.24 -9.70 13.01
C GLY C 131 -6.11 -8.53 12.63
N VAL C 132 -7.22 -8.37 13.34
CA VAL C 132 -8.13 -7.27 13.08
C VAL C 132 -8.51 -6.60 14.38
N VAL C 133 -8.59 -5.28 14.36
CA VAL C 133 -9.00 -4.52 15.53
C VAL C 133 -10.46 -4.18 15.25
N ASP C 134 -11.35 -4.89 15.93
CA ASP C 134 -12.78 -4.69 15.72
C ASP C 134 -13.31 -3.74 16.80
N GLY C 135 -13.21 -2.44 16.52
CA GLY C 135 -13.68 -1.43 17.46
C GLY C 135 -12.75 -1.24 18.65
N LYS C 136 -13.17 -0.39 19.59
CA LYS C 136 -12.37 -0.15 20.79
C LYS C 136 -12.39 -1.38 21.67
N ALA C 137 -11.40 -1.50 22.56
CA ALA C 137 -11.31 -2.64 23.45
C ALA C 137 -12.14 -2.47 24.70
N ALA C 138 -12.65 -3.58 25.22
CA ALA C 138 -13.45 -3.58 26.44
C ALA C 138 -12.47 -3.45 27.60
N ASN C 139 -12.85 -2.75 28.65
CA ASN C 139 -11.97 -2.58 29.80
C ASN C 139 -12.67 -2.76 31.13
N LYS C 140 -13.96 -3.11 31.09
CA LYS C 140 -14.74 -3.31 32.30
C LYS C 140 -15.75 -4.44 32.09
N ILE C 141 -15.99 -5.20 33.15
CA ILE C 141 -16.94 -6.30 33.09
C ILE C 141 -18.32 -5.77 33.45
N GLU C 142 -19.33 -6.16 32.69
CA GLU C 142 -20.69 -5.71 32.90
C GLU C 142 -21.23 -6.00 34.30
N THR C 143 -22.11 -5.13 34.78
CA THR C 143 -22.74 -5.29 36.08
C THR C 143 -24.02 -6.08 35.85
N ASP C 144 -24.66 -6.52 36.92
CA ASP C 144 -25.91 -7.27 36.79
C ASP C 144 -26.99 -6.41 36.14
N GLU C 145 -26.97 -5.11 36.44
CA GLU C 145 -27.94 -4.19 35.87
C GLU C 145 -27.75 -4.05 34.37
N GLN C 146 -26.49 -3.91 33.95
CA GLN C 146 -26.18 -3.77 32.53
C GLN C 146 -26.53 -5.06 31.80
N LYS C 147 -26.51 -6.17 32.54
CA LYS C 147 -26.86 -7.48 31.99
C LYS C 147 -28.35 -7.46 31.68
N LYS C 148 -29.15 -6.93 32.60
CA LYS C 148 -30.59 -6.85 32.40
C LYS C 148 -30.88 -5.92 31.24
N GLU C 149 -30.12 -4.84 31.14
CA GLU C 149 -30.27 -3.81 30.07
C GLU C 149 -30.05 -4.41 28.69
N ARG C 150 -28.97 -5.17 28.52
CA ARG C 150 -28.66 -5.72 27.21
C ARG C 150 -29.68 -6.75 26.78
N ARG C 151 -30.22 -7.49 27.74
CA ARG C 151 -31.22 -8.50 27.43
C ARG C 151 -32.53 -7.85 27.02
N GLU C 152 -32.86 -6.71 27.62
CA GLU C 152 -34.09 -6.00 27.27
C GLU C 152 -33.92 -5.41 25.87
N LEU C 153 -32.72 -4.92 25.60
CA LEU C 153 -32.42 -4.32 24.30
C LEU C 153 -32.49 -5.36 23.19
N VAL C 154 -31.97 -6.56 23.45
CA VAL C 154 -32.01 -7.62 22.44
C VAL C 154 -33.46 -7.94 22.08
N GLU C 155 -34.35 -7.94 23.08
CA GLU C 155 -35.74 -8.21 22.80
C GLU C 155 -36.34 -7.07 21.99
N LYS C 156 -36.02 -5.84 22.38
CA LYS C 156 -36.54 -4.66 21.69
C LYS C 156 -36.09 -4.62 20.24
N ILE C 157 -34.90 -5.13 19.96
CA ILE C 157 -34.39 -5.16 18.59
C ILE C 157 -35.25 -6.06 17.70
N GLY C 158 -35.87 -7.06 18.32
CA GLY C 158 -36.72 -7.96 17.55
C GLY C 158 -36.48 -9.44 17.82
N TYR C 159 -35.53 -9.75 18.69
CA TYR C 159 -35.25 -11.13 19.02
C TYR C 159 -36.14 -11.51 20.20
N LYS C 160 -37.41 -11.71 19.89
CA LYS C 160 -38.43 -12.05 20.87
C LYS C 160 -39.48 -12.94 20.22
N ILE C 161 -39.91 -13.97 20.95
CA ILE C 161 -40.92 -14.88 20.45
C ILE C 161 -42.10 -14.92 21.41
N ASP C 162 -43.27 -15.26 20.88
CA ASP C 162 -44.50 -15.32 21.67
C ASP C 162 -44.58 -16.55 22.56
N VAL D 2 -52.68 -49.70 6.15
CA VAL D 2 -52.38 -48.39 6.71
C VAL D 2 -53.28 -47.31 6.10
N ARG D 3 -53.96 -46.54 6.95
CA ARG D 3 -54.78 -45.44 6.44
C ARG D 3 -53.89 -44.34 5.92
N ILE D 4 -54.26 -43.76 4.79
CA ILE D 4 -53.48 -42.68 4.20
C ILE D 4 -54.39 -41.48 3.98
N GLU D 5 -53.97 -40.33 4.51
CA GLU D 5 -54.72 -39.09 4.38
C GLU D 5 -53.90 -38.06 3.62
N VAL D 6 -54.59 -37.17 2.91
CA VAL D 6 -53.94 -36.11 2.16
C VAL D 6 -54.41 -34.81 2.81
N ILE D 7 -53.47 -34.10 3.41
CA ILE D 7 -53.78 -32.86 4.10
C ILE D 7 -53.35 -31.63 3.31
N ASP D 8 -54.31 -30.76 3.00
CA ASP D 8 -54.02 -29.53 2.28
C ASP D 8 -53.52 -28.53 3.30
N ILE D 9 -52.34 -27.97 3.05
CA ILE D 9 -51.79 -26.98 3.97
C ILE D 9 -52.59 -25.70 3.78
N GLU D 10 -53.11 -25.16 4.89
CA GLU D 10 -53.86 -23.92 4.83
C GLU D 10 -52.90 -22.76 5.07
N LYS D 11 -52.80 -21.88 4.08
CA LYS D 11 -51.91 -20.74 4.19
C LYS D 11 -52.32 -19.65 3.20
N PRO D 12 -52.17 -18.38 3.58
CA PRO D 12 -52.54 -17.30 2.67
C PRO D 12 -51.59 -17.22 1.49
N GLU D 13 -52.03 -16.57 0.43
CA GLU D 13 -51.21 -16.42 -0.77
C GLU D 13 -49.91 -15.69 -0.44
N GLY D 14 -48.82 -16.16 -0.99
CA GLY D 14 -47.53 -15.52 -0.73
C GLY D 14 -46.78 -16.05 0.47
N VAL D 15 -47.46 -16.78 1.34
CA VAL D 15 -46.82 -17.33 2.52
C VAL D 15 -46.07 -18.61 2.16
N GLU D 16 -44.86 -18.76 2.71
CA GLU D 16 -44.00 -19.91 2.47
C GLU D 16 -44.21 -20.93 3.58
N VAL D 17 -44.28 -22.21 3.21
CA VAL D 17 -44.43 -23.26 4.21
C VAL D 17 -43.20 -24.16 4.19
N ILE D 18 -42.80 -24.63 5.37
CA ILE D 18 -41.66 -25.53 5.50
C ILE D 18 -42.11 -26.59 6.50
N ILE D 19 -42.01 -27.86 6.10
CA ILE D 19 -42.41 -28.95 6.99
C ILE D 19 -41.17 -29.78 7.26
N GLY D 20 -40.96 -30.15 8.53
CA GLY D 20 -39.78 -30.94 8.87
C GLY D 20 -40.03 -31.95 9.97
N GLN D 21 -39.00 -32.76 10.24
CA GLN D 21 -39.06 -33.79 11.28
C GLN D 21 -37.95 -33.46 12.28
N GLY D 22 -38.31 -33.36 13.55
CA GLY D 22 -37.30 -33.02 14.54
C GLY D 22 -37.31 -33.87 15.78
N ASN D 23 -36.90 -33.28 16.89
CA ASN D 23 -36.81 -33.98 18.15
C ASN D 23 -36.84 -32.99 19.31
N PHE D 24 -37.29 -33.45 20.48
CA PHE D 24 -37.32 -32.61 21.68
C PHE D 24 -38.20 -31.36 21.45
N SER D 25 -39.44 -31.60 21.07
CA SER D 25 -40.40 -30.55 20.76
C SER D 25 -40.50 -29.35 21.70
N ILE D 26 -40.62 -29.57 23.01
CA ILE D 26 -40.74 -28.45 23.93
C ILE D 26 -39.56 -27.48 23.88
N PHE D 27 -38.37 -27.98 23.59
CA PHE D 27 -37.18 -27.14 23.49
C PHE D 27 -37.08 -26.55 22.08
N THR D 28 -37.17 -27.44 21.11
CA THR D 28 -37.03 -27.08 19.71
C THR D 28 -38.01 -26.08 19.14
N VAL D 29 -39.28 -26.14 19.55
CA VAL D 29 -40.24 -25.19 19.00
C VAL D 29 -39.78 -23.75 19.29
N ASP D 30 -39.28 -23.52 20.50
CA ASP D 30 -38.78 -22.20 20.88
C ASP D 30 -37.39 -21.89 20.31
N ASP D 31 -36.49 -22.87 20.39
CA ASP D 31 -35.12 -22.67 19.92
C ASP D 31 -35.00 -22.47 18.41
N LEU D 32 -35.77 -23.23 17.63
CA LEU D 32 -35.73 -23.09 16.18
C LEU D 32 -36.34 -21.74 15.79
N ALA D 33 -37.35 -21.30 16.55
CA ALA D 33 -37.98 -20.00 16.27
C ALA D 33 -36.91 -18.91 16.45
N ARG D 34 -36.15 -18.98 17.54
CA ARG D 34 -35.09 -18.00 17.79
C ARG D 34 -34.08 -18.02 16.65
N ALA D 35 -33.75 -19.22 16.17
CA ALA D 35 -32.79 -19.36 15.08
C ALA D 35 -33.32 -18.70 13.80
N LEU D 36 -34.60 -18.91 13.51
CA LEU D 36 -35.19 -18.30 12.31
C LEU D 36 -35.04 -16.77 12.31
N LEU D 37 -35.14 -16.18 13.50
CA LEU D 37 -35.01 -14.73 13.61
C LEU D 37 -33.64 -14.23 13.14
N THR D 38 -32.62 -15.08 13.25
CA THR D 38 -31.27 -14.70 12.85
C THR D 38 -31.02 -14.82 11.35
N ALA D 39 -31.93 -15.50 10.64
CA ALA D 39 -31.75 -15.71 9.20
C ALA D 39 -31.98 -14.51 8.31
N VAL D 40 -33.06 -13.78 8.57
CA VAL D 40 -33.40 -12.60 7.77
C VAL D 40 -34.06 -11.56 8.66
N PRO D 41 -33.53 -10.33 8.65
CA PRO D 41 -34.14 -9.27 9.47
C PRO D 41 -35.57 -9.02 9.02
N GLY D 42 -36.48 -8.89 9.98
CA GLY D 42 -37.86 -8.62 9.63
C GLY D 42 -38.72 -9.83 9.33
N ILE D 43 -38.13 -11.03 9.40
CA ILE D 43 -38.88 -12.24 9.13
C ILE D 43 -40.07 -12.36 10.07
N LYS D 44 -41.23 -12.70 9.52
CA LYS D 44 -42.45 -12.88 10.31
C LYS D 44 -42.90 -14.32 10.13
N PHE D 45 -43.18 -15.01 11.23
CA PHE D 45 -43.54 -16.42 11.12
C PHE D 45 -44.23 -17.03 12.31
N GLY D 46 -44.72 -18.24 12.07
CA GLY D 46 -45.34 -19.03 13.10
C GLY D 46 -44.70 -20.40 12.96
N ILE D 47 -44.43 -21.06 14.07
CA ILE D 47 -43.84 -22.39 14.02
C ILE D 47 -44.57 -23.26 15.04
N ALA D 48 -44.93 -24.47 14.63
CA ALA D 48 -45.62 -25.41 15.50
C ALA D 48 -44.92 -26.75 15.41
N MET D 49 -44.92 -27.50 16.51
CA MET D 49 -44.26 -28.79 16.54
C MET D 49 -45.02 -29.74 17.45
N ASN D 50 -45.19 -30.97 16.99
CA ASN D 50 -45.94 -31.98 17.75
C ASN D 50 -45.13 -32.76 18.77
N GLU D 51 -45.67 -32.85 19.97
CA GLU D 51 -45.04 -33.59 21.07
C GLU D 51 -45.88 -34.85 21.30
N ALA D 52 -45.27 -36.02 21.12
CA ALA D 52 -45.98 -37.30 21.26
C ALA D 52 -46.60 -37.69 22.61
N LYS D 53 -45.78 -37.73 23.66
CA LYS D 53 -46.36 -38.29 24.89
C LYS D 53 -47.59 -37.52 25.40
N PRO D 54 -47.65 -36.18 25.51
CA PRO D 54 -48.90 -35.55 25.92
C PRO D 54 -49.82 -35.27 24.74
N GLN D 55 -49.40 -35.70 23.55
CA GLN D 55 -50.17 -35.49 22.34
C GLN D 55 -50.60 -34.04 22.19
N LEU D 56 -49.63 -33.14 22.29
CA LEU D 56 -49.87 -31.70 22.18
C LEU D 56 -49.11 -31.06 21.03
N THR D 57 -49.74 -30.09 20.38
CA THR D 57 -49.09 -29.35 19.32
C THR D 57 -48.60 -28.06 19.98
N ARG D 58 -47.29 -27.89 20.02
CA ARG D 58 -46.68 -26.72 20.63
C ARG D 58 -46.45 -25.68 19.54
N TYR D 59 -46.42 -24.41 19.91
CA TYR D 59 -46.21 -23.38 18.90
C TYR D 59 -45.73 -22.05 19.47
N THR D 60 -45.15 -21.24 18.59
CA THR D 60 -44.66 -19.92 18.94
C THR D 60 -44.33 -19.19 17.64
N GLY D 61 -43.68 -18.04 17.75
CA GLY D 61 -43.34 -17.25 16.58
C GLY D 61 -43.46 -15.79 16.91
N ASN D 62 -43.65 -14.95 15.90
CA ASN D 62 -43.77 -13.50 16.12
C ASN D 62 -44.89 -12.91 15.27
N ASP D 63 -45.89 -13.72 14.98
CA ASP D 63 -47.05 -13.30 14.19
C ASP D 63 -48.25 -14.14 14.61
N PRO D 64 -49.23 -13.53 15.29
CA PRO D 64 -50.43 -14.22 15.78
C PRO D 64 -51.11 -15.14 14.76
N GLU D 65 -51.41 -14.60 13.59
CA GLU D 65 -52.13 -15.39 12.58
C GLU D 65 -51.28 -16.53 11.99
N LEU D 66 -50.00 -16.29 11.71
CA LEU D 66 -49.16 -17.36 11.17
C LEU D 66 -48.95 -18.44 12.23
N GLU D 67 -48.95 -18.04 13.50
CA GLU D 67 -48.79 -18.99 14.59
C GLU D 67 -50.04 -19.86 14.67
N ALA D 68 -51.21 -19.24 14.63
CA ALA D 68 -52.45 -19.99 14.70
C ALA D 68 -52.55 -20.98 13.53
N LEU D 69 -52.19 -20.53 12.34
CA LEU D 69 -52.25 -21.38 11.17
C LEU D 69 -51.20 -22.49 11.21
N ALA D 70 -50.01 -22.17 11.71
CA ALA D 70 -48.96 -23.20 11.79
C ALA D 70 -49.43 -24.30 12.74
N ALA D 71 -50.01 -23.90 13.87
CA ALA D 71 -50.51 -24.85 14.85
C ALA D 71 -51.65 -25.70 14.30
N LYS D 72 -52.56 -25.06 13.56
CA LYS D 72 -53.68 -25.79 12.99
C LYS D 72 -53.20 -26.84 12.01
N ASN D 73 -52.27 -26.45 11.13
CA ASN D 73 -51.72 -27.37 10.14
C ASN D 73 -50.97 -28.50 10.83
N ALA D 74 -50.19 -28.16 11.85
CA ALA D 74 -49.42 -29.16 12.58
C ALA D 74 -50.28 -30.19 13.30
N VAL D 75 -51.35 -29.74 13.94
CA VAL D 75 -52.22 -30.66 14.67
C VAL D 75 -53.01 -31.54 13.71
N LYS D 76 -53.34 -31.01 12.53
CA LYS D 76 -54.07 -31.79 11.54
C LYS D 76 -53.14 -32.89 11.01
N ILE D 77 -51.86 -32.56 10.85
CA ILE D 77 -50.89 -33.54 10.39
C ILE D 77 -50.73 -34.55 11.55
N GLY D 78 -50.68 -34.01 12.76
CA GLY D 78 -50.58 -34.82 13.97
C GLY D 78 -49.31 -35.60 14.28
N ALA D 79 -48.65 -36.13 13.26
CA ALA D 79 -47.45 -36.92 13.45
C ALA D 79 -46.46 -36.34 14.47
N GLY D 80 -46.03 -37.18 15.40
CA GLY D 80 -45.09 -36.76 16.43
C GLY D 80 -43.76 -36.26 15.89
N HIS D 81 -43.24 -35.22 16.54
CA HIS D 81 -41.94 -34.58 16.22
C HIS D 81 -41.91 -33.86 14.85
N VAL D 82 -43.07 -33.71 14.21
CA VAL D 82 -43.13 -32.96 12.96
C VAL D 82 -43.27 -31.48 13.34
N PHE D 83 -42.63 -30.61 12.57
CA PHE D 83 -42.75 -29.19 12.83
C PHE D 83 -43.20 -28.52 11.54
N VAL D 84 -44.00 -27.47 11.69
CA VAL D 84 -44.53 -26.73 10.54
C VAL D 84 -44.20 -25.26 10.71
N ILE D 85 -43.63 -24.67 9.67
CA ILE D 85 -43.29 -23.26 9.68
C ILE D 85 -44.03 -22.54 8.57
N LEU D 86 -44.63 -21.41 8.91
CA LEU D 86 -45.33 -20.57 7.93
C LEU D 86 -44.66 -19.22 8.11
N MET D 87 -44.10 -18.68 7.03
CA MET D 87 -43.39 -17.42 7.12
C MET D 87 -43.60 -16.49 5.92
N LYS D 88 -43.21 -15.24 6.13
CA LYS D 88 -43.28 -14.21 5.10
C LYS D 88 -42.11 -13.26 5.37
N ASN D 89 -41.80 -12.40 4.38
CA ASN D 89 -40.70 -11.45 4.51
C ASN D 89 -39.37 -12.20 4.49
N ALA D 90 -39.40 -13.41 3.93
CA ALA D 90 -38.22 -14.26 3.81
C ALA D 90 -38.59 -15.43 2.90
N TYR D 91 -37.59 -15.98 2.23
CA TYR D 91 -37.79 -17.10 1.32
C TYR D 91 -37.04 -18.32 1.84
N PRO D 92 -37.45 -19.52 1.42
CA PRO D 92 -36.79 -20.74 1.86
C PRO D 92 -35.28 -20.72 1.62
N ILE D 93 -34.84 -20.17 0.49
CA ILE D 93 -33.42 -20.14 0.19
C ILE D 93 -32.63 -19.32 1.22
N ASN D 94 -33.33 -18.48 1.98
CA ASN D 94 -32.69 -17.65 3.01
C ASN D 94 -32.67 -18.33 4.38
N VAL D 95 -33.48 -19.37 4.56
CA VAL D 95 -33.57 -20.00 5.87
C VAL D 95 -33.36 -21.50 5.98
N LEU D 96 -33.37 -22.21 4.86
CA LEU D 96 -33.22 -23.66 4.93
C LEU D 96 -31.95 -24.12 5.63
N ASN D 97 -30.83 -23.47 5.39
CA ASN D 97 -29.58 -23.88 6.04
C ASN D 97 -29.64 -23.66 7.55
N THR D 98 -30.32 -22.61 8.00
CA THR D 98 -30.47 -22.33 9.42
C THR D 98 -31.21 -23.50 10.07
N ILE D 99 -32.25 -23.97 9.39
CA ILE D 99 -33.07 -25.08 9.89
C ILE D 99 -32.27 -26.38 9.87
N LYS D 100 -31.60 -26.66 8.75
CA LYS D 100 -30.81 -27.89 8.64
C LYS D 100 -29.65 -27.90 9.64
N ASN D 101 -29.17 -26.72 10.01
CA ASN D 101 -28.06 -26.59 10.95
C ASN D 101 -28.49 -26.74 12.40
N HIS D 102 -29.79 -26.75 12.65
CA HIS D 102 -30.26 -26.86 14.03
C HIS D 102 -30.02 -28.27 14.56
N PRO D 103 -29.43 -28.37 15.77
CA PRO D 103 -29.11 -29.65 16.41
C PRO D 103 -30.25 -30.62 16.71
N ALA D 104 -31.49 -30.14 16.72
CA ALA D 104 -32.62 -31.01 17.00
C ALA D 104 -33.46 -31.30 15.76
N VAL D 105 -32.96 -30.89 14.59
CA VAL D 105 -33.67 -31.13 13.34
C VAL D 105 -33.09 -32.34 12.63
N ALA D 106 -33.96 -33.27 12.24
CA ALA D 106 -33.49 -34.47 11.54
C ALA D 106 -33.52 -34.22 10.05
N MET D 107 -34.66 -33.79 9.54
CA MET D 107 -34.82 -33.54 8.12
C MET D 107 -35.90 -32.51 7.82
N ILE D 108 -35.90 -32.04 6.58
CA ILE D 108 -36.90 -31.08 6.09
C ILE D 108 -37.59 -31.75 4.90
N TYR D 109 -38.89 -31.96 5.03
CA TYR D 109 -39.69 -32.60 3.99
C TYR D 109 -39.80 -31.77 2.71
N GLY D 110 -39.99 -30.47 2.86
CA GLY D 110 -40.12 -29.61 1.70
C GLY D 110 -40.36 -28.17 2.10
N ALA D 111 -40.31 -27.27 1.12
CA ALA D 111 -40.52 -25.85 1.40
C ALA D 111 -40.86 -25.11 0.12
N SER D 112 -41.92 -24.29 0.18
CA SER D 112 -42.31 -23.49 -0.97
C SER D 112 -43.58 -22.71 -0.67
N GLU D 113 -44.07 -22.00 -1.69
CA GLU D 113 -45.30 -21.23 -1.57
C GLU D 113 -46.37 -21.79 -2.50
N ASN D 114 -46.00 -22.89 -3.15
CA ASN D 114 -46.95 -23.55 -4.03
C ASN D 114 -48.09 -24.09 -3.19
N PRO D 115 -49.22 -24.34 -3.86
CA PRO D 115 -50.25 -25.14 -3.25
C PRO D 115 -49.58 -26.42 -2.72
N PHE D 116 -49.81 -26.68 -1.41
CA PHE D 116 -49.00 -27.65 -0.70
C PHE D 116 -49.86 -28.73 -0.01
N GLN D 117 -49.47 -30.00 -0.14
CA GLN D 117 -50.17 -31.07 0.56
C GLN D 117 -49.19 -31.96 1.33
N VAL D 118 -49.66 -32.52 2.43
CA VAL D 118 -48.85 -33.44 3.23
C VAL D 118 -49.58 -34.76 3.24
N ILE D 119 -48.90 -35.83 2.81
CA ILE D 119 -49.50 -37.14 2.79
C ILE D 119 -49.14 -37.83 4.09
N VAL D 120 -50.17 -38.23 4.84
CA VAL D 120 -49.95 -38.84 6.14
C VAL D 120 -50.50 -40.26 6.25
N ALA D 121 -49.71 -41.14 6.83
CA ALA D 121 -50.11 -42.52 7.05
C ALA D 121 -50.46 -42.63 8.53
N GLU D 122 -51.41 -43.49 8.86
CA GLU D 122 -51.83 -43.65 10.25
C GLU D 122 -51.87 -45.13 10.65
N THR D 123 -51.27 -45.43 11.80
CA THR D 123 -51.25 -46.78 12.34
C THR D 123 -52.00 -46.76 13.68
N GLU D 124 -51.94 -47.87 14.42
CA GLU D 124 -52.63 -47.92 15.70
C GLU D 124 -51.88 -47.09 16.75
N LEU D 125 -50.61 -46.79 16.47
CA LEU D 125 -49.79 -46.00 17.38
C LEU D 125 -49.96 -44.50 17.14
N GLY D 126 -49.71 -44.07 15.92
CA GLY D 126 -49.82 -42.66 15.59
C GLY D 126 -49.80 -42.40 14.10
N ARG D 127 -49.26 -41.24 13.71
CA ARG D 127 -49.19 -40.87 12.31
C ARG D 127 -47.77 -40.61 11.82
N ALA D 128 -47.60 -40.66 10.50
CA ALA D 128 -46.29 -40.45 9.88
C ALA D 128 -46.42 -39.70 8.58
N VAL D 129 -45.54 -38.72 8.37
CA VAL D 129 -45.54 -37.98 7.12
C VAL D 129 -44.84 -38.89 6.13
N ILE D 130 -45.52 -39.29 5.06
CA ILE D 130 -44.84 -40.15 4.09
C ILE D 130 -44.43 -39.40 2.82
N GLY D 131 -44.81 -38.14 2.72
CA GLY D 131 -44.41 -37.37 1.56
C GLY D 131 -45.15 -36.06 1.45
N VAL D 132 -44.71 -35.21 0.54
CA VAL D 132 -45.36 -33.92 0.34
C VAL D 132 -45.58 -33.67 -1.14
N VAL D 133 -46.73 -33.12 -1.47
CA VAL D 133 -47.04 -32.78 -2.84
C VAL D 133 -46.76 -31.28 -2.90
N ASP D 134 -45.64 -30.92 -3.50
CA ASP D 134 -45.25 -29.52 -3.59
C ASP D 134 -45.69 -28.95 -4.94
N GLY D 135 -46.93 -28.49 -5.01
CA GLY D 135 -47.46 -27.92 -6.24
C GLY D 135 -47.80 -28.97 -7.29
N LYS D 136 -48.15 -28.50 -8.49
CA LYS D 136 -48.48 -29.41 -9.58
C LYS D 136 -47.23 -30.17 -10.02
N ALA D 137 -47.43 -31.30 -10.67
CA ALA D 137 -46.34 -32.13 -11.17
C ALA D 137 -45.94 -31.66 -12.56
N ALA D 138 -44.66 -31.74 -12.88
CA ALA D 138 -44.15 -31.35 -14.19
C ALA D 138 -44.53 -32.42 -15.21
N ASN D 139 -44.84 -32.01 -16.42
CA ASN D 139 -45.22 -32.98 -17.46
C ASN D 139 -44.55 -32.70 -18.80
N LYS D 140 -43.67 -31.71 -18.83
CA LYS D 140 -42.95 -31.35 -20.05
C LYS D 140 -41.52 -30.94 -19.71
N ILE D 141 -40.56 -31.41 -20.50
CA ILE D 141 -39.17 -31.04 -20.30
C ILE D 141 -38.94 -29.73 -21.04
N GLU D 142 -38.33 -28.76 -20.37
CA GLU D 142 -38.08 -27.45 -20.94
C GLU D 142 -37.35 -27.46 -22.29
N THR D 143 -37.67 -26.50 -23.14
CA THR D 143 -37.02 -26.39 -24.44
C THR D 143 -35.78 -25.52 -24.21
N ASP D 144 -34.91 -25.44 -25.21
CA ASP D 144 -33.70 -24.62 -25.08
C ASP D 144 -34.08 -23.15 -24.92
N GLU D 145 -35.19 -22.76 -25.52
CA GLU D 145 -35.65 -21.38 -25.43
C GLU D 145 -36.16 -21.09 -24.03
N GLN D 146 -36.81 -22.08 -23.43
CA GLN D 146 -37.35 -21.91 -22.08
C GLN D 146 -36.20 -21.82 -21.08
N LYS D 147 -35.04 -22.35 -21.46
CA LYS D 147 -33.86 -22.30 -20.60
C LYS D 147 -33.41 -20.84 -20.53
N LYS D 148 -33.33 -20.21 -21.70
CA LYS D 148 -32.94 -18.81 -21.81
C LYS D 148 -33.91 -17.94 -21.03
N GLU D 149 -35.19 -18.31 -21.09
CA GLU D 149 -36.24 -17.58 -20.42
C GLU D 149 -36.08 -17.58 -18.90
N ARG D 150 -35.87 -18.75 -18.31
CA ARG D 150 -35.70 -18.81 -16.86
C ARG D 150 -34.42 -18.14 -16.40
N ARG D 151 -33.35 -18.28 -17.18
CA ARG D 151 -32.08 -17.67 -16.82
C ARG D 151 -32.15 -16.15 -16.83
N GLU D 152 -32.94 -15.59 -17.75
CA GLU D 152 -33.11 -14.15 -17.82
C GLU D 152 -33.94 -13.69 -16.62
N LEU D 153 -34.93 -14.51 -16.26
CA LEU D 153 -35.80 -14.19 -15.14
C LEU D 153 -35.01 -14.20 -13.83
N VAL D 154 -34.15 -15.20 -13.66
CA VAL D 154 -33.36 -15.30 -12.44
C VAL D 154 -32.51 -14.03 -12.26
N GLU D 155 -31.96 -13.51 -13.35
CA GLU D 155 -31.15 -12.29 -13.26
C GLU D 155 -32.05 -11.10 -12.95
N LYS D 156 -33.22 -11.06 -13.58
CA LYS D 156 -34.18 -9.98 -13.37
C LYS D 156 -34.66 -9.93 -11.91
N ILE D 157 -34.82 -11.11 -11.32
CA ILE D 157 -35.27 -11.22 -9.94
C ILE D 157 -34.28 -10.55 -8.98
N GLY D 158 -33.02 -10.51 -9.37
CA GLY D 158 -32.01 -9.89 -8.51
C GLY D 158 -30.74 -10.70 -8.37
N TYR D 159 -30.71 -11.89 -8.96
CA TYR D 159 -29.53 -12.75 -8.89
C TYR D 159 -28.61 -12.42 -10.06
N LYS D 160 -27.95 -11.27 -9.93
CA LYS D 160 -27.04 -10.77 -10.94
C LYS D 160 -25.89 -10.01 -10.28
N ILE D 161 -24.68 -10.22 -10.77
CA ILE D 161 -23.52 -9.52 -10.23
C ILE D 161 -22.86 -8.73 -11.36
N ASP D 162 -22.10 -7.70 -10.99
CA ASP D 162 -21.43 -6.84 -11.96
C ASP D 162 -20.16 -7.46 -12.51
NA NA E . 54.29 25.42 -9.94
C1 GOL F . 19.05 24.88 -5.73
O1 GOL F . 17.89 24.74 -4.90
C2 GOL F . 19.85 26.13 -5.32
O2 GOL F . 20.22 26.03 -3.94
C3 GOL F . 21.09 26.25 -6.22
O3 GOL F . 22.28 26.22 -5.38
NA NA G . 15.74 -1.68 -20.66
C1 GOL H . 28.60 14.27 5.52
O1 GOL H . 27.53 14.04 4.62
C2 GOL H . 28.63 15.75 5.93
O2 GOL H . 27.39 16.09 6.58
C3 GOL H . 29.82 16.02 6.85
O3 GOL H . 30.32 17.34 6.90
NA NA I . -3.13 -13.78 13.37
C1 GOL J . -33.84 -12.12 -4.13
O1 GOL J . -35.18 -11.63 -4.28
C2 GOL J . -32.84 -10.97 -4.32
O2 GOL J . -33.12 -9.94 -3.37
C3 GOL J . -31.41 -11.52 -4.16
O3 GOL J . -30.77 -10.80 -3.06
NA NA K . -41.64 -40.86 2.66
C1 GOL L . -33.12 -8.35 13.57
O1 GOL L . -33.00 -6.93 13.36
C2 GOL L . -34.60 -8.75 13.67
O2 GOL L . -35.27 -8.37 12.47
C3 GOL L . -34.68 -10.27 13.90
O3 GOL L . -35.45 -10.85 12.80
#